data_3OCB
#
_entry.id   3OCB
#
_cell.length_a   86.265
_cell.length_b   56.013
_cell.length_c   91.650
_cell.angle_alpha   90.00
_cell.angle_beta   104.27
_cell.angle_gamma   90.00
#
_symmetry.space_group_name_H-M   'P 1 21 1'
#
loop_
_entity.id
_entity.type
_entity.pdbx_description
1 polymer 'v-akt murine thymoma viral oncogene homolog 1 (AKT1)'
2 polymer 'GSK 3 beta peptide'
3 non-polymer (2S)-2-(4-chlorobenzyl)-3-oxo-3-[4-(7H-pyrrolo[2,3-d]pyrimidin-4-yl)piperazin-1-yl]propan-1-amine
4 water water
#
loop_
_entity_poly.entity_id
_entity_poly.type
_entity_poly.pdbx_seq_one_letter_code
_entity_poly.pdbx_strand_id
1 'polypeptide(L)'
;GAMARVTMNEFEYLKLLGKGTFGKVILVKEKATGRYYAMKILKKEVIVAKDEVAHTLTENRVLQNSRHPFLTALKYSFQT
HDRLCFVMEYANGGELFFHLSRERVFSEDRARFYGAEIVSALDYLHSEKNVVYRDLKLENLMLDKDGHIKITDFGLCKEG
IKDGATMK(TPO)FCGTPEYLAPEVLEDNDYGRAVDWWGLGVVMYEMMCGRLPFYNQDHEKLFELILMEEIRFPRTLGPE
AKSLLSGLLKKDPKQRLGGGSEDAKEIMQHRFFAGIVWQHVYEKKLSPPFKPQVTSETDTRYFDEEFTAQMITITPPDQD
DSMECVDSERRPHFPQFDYSASSTA
;
A,B
2 'polypeptide(L)' GRPRTTSFAE C,D
#
loop_
_chem_comp.id
_chem_comp.type
_chem_comp.name
_chem_comp.formula
XM1 non-polymer (2S)-2-(4-chlorobenzyl)-3-oxo-3-[4-(7H-pyrrolo[2,3-d]pyrimidin-4-yl)piperazin-1-yl]propan-1-amine 'C20 H23 Cl N6 O'
#
# COMPACT_ATOMS: atom_id res chain seq x y z
N ARG A 5 17.00 23.58 -11.73
CA ARG A 5 18.48 23.42 -11.52
C ARG A 5 19.08 24.69 -10.90
N VAL A 6 19.71 24.53 -9.73
CA VAL A 6 20.16 25.67 -8.90
C VAL A 6 21.59 25.49 -8.36
N THR A 7 22.12 26.52 -7.71
CA THR A 7 23.54 26.54 -7.32
C THR A 7 23.83 26.74 -5.84
N MET A 8 25.11 26.91 -5.53
CA MET A 8 25.65 27.07 -4.19
C MET A 8 25.06 28.28 -3.42
N ASN A 9 24.77 29.36 -4.15
CA ASN A 9 24.28 30.62 -3.58
C ASN A 9 22.87 30.56 -2.99
N GLU A 10 22.03 29.67 -3.54
CA GLU A 10 20.62 29.57 -3.15
C GLU A 10 20.42 28.99 -1.75
N PHE A 11 21.51 28.89 -0.99
CA PHE A 11 21.47 28.33 0.36
C PHE A 11 22.27 29.12 1.39
N GLU A 12 21.77 29.14 2.62
CA GLU A 12 22.53 29.61 3.78
C GLU A 12 23.15 28.40 4.48
N TYR A 13 24.31 28.59 5.12
CA TYR A 13 25.08 27.49 5.72
C TYR A 13 25.20 27.63 7.24
N LEU A 14 24.30 26.97 7.96
CA LEU A 14 24.09 27.25 9.38
C LEU A 14 24.94 26.43 10.37
N LYS A 15 24.77 25.10 10.36
CA LYS A 15 25.45 24.22 11.33
C LYS A 15 26.13 23.02 10.65
N LEU A 16 27.31 22.66 11.13
CA LEU A 16 27.97 21.43 10.66
C LEU A 16 27.35 20.21 11.33
N LEU A 17 27.08 19.19 10.51
CA LEU A 17 26.42 17.97 10.98
C LEU A 17 27.35 16.76 11.02
N GLY A 18 28.34 16.74 10.14
CA GLY A 18 29.33 15.66 10.13
C GLY A 18 30.41 15.86 9.09
N LYS A 19 31.65 15.56 9.48
CA LYS A 19 32.77 15.55 8.54
C LYS A 19 33.12 14.12 8.19
N GLY A 20 33.68 13.92 7.01
CA GLY A 20 34.16 12.61 6.57
C GLY A 20 35.43 12.78 5.76
N THR A 21 35.93 11.69 5.19
CA THR A 21 37.12 11.74 4.32
C THR A 21 36.77 12.45 3.01
N PHE A 22 35.54 12.22 2.55
CA PHE A 22 35.09 12.58 1.21
C PHE A 22 34.49 14.00 1.16
N GLY A 23 34.20 14.55 2.33
CA GLY A 23 33.62 15.87 2.44
C GLY A 23 32.86 16.06 3.74
N LYS A 24 31.82 16.89 3.69
CA LYS A 24 31.04 17.22 4.89
C LYS A 24 29.53 17.31 4.62
N VAL A 25 28.74 17.24 5.69
CA VAL A 25 27.31 17.44 5.61
C VAL A 25 26.92 18.62 6.48
N ILE A 26 26.33 19.64 5.87
CA ILE A 26 25.95 20.87 6.59
C ILE A 26 24.45 21.07 6.58
N LEU A 27 23.91 21.54 7.71
CA LEU A 27 22.50 21.92 7.81
C LEU A 27 22.24 23.25 7.08
N VAL A 28 21.44 23.21 6.02
CA VAL A 28 21.22 24.39 5.19
C VAL A 28 19.76 24.92 5.19
N LYS A 29 19.64 26.23 4.96
CA LYS A 29 18.35 26.90 4.76
C LYS A 29 18.25 27.29 3.28
N GLU A 30 17.15 26.91 2.63
CA GLU A 30 16.96 27.29 1.22
C GLU A 30 16.40 28.70 1.11
N LYS A 31 17.27 29.65 0.73
CA LYS A 31 16.91 31.07 0.57
C LYS A 31 15.53 31.28 -0.04
N ALA A 32 15.27 30.66 -1.18
CA ALA A 32 13.99 30.82 -1.90
C ALA A 32 12.77 30.29 -1.15
N THR A 33 12.94 29.27 -0.29
CA THR A 33 11.78 28.60 0.31
C THR A 33 11.71 28.60 1.84
N GLY A 34 12.82 28.89 2.50
CA GLY A 34 12.88 28.84 3.97
C GLY A 34 12.91 27.43 4.58
N ARG A 35 12.95 26.42 3.70
CA ARG A 35 12.93 25.02 4.11
C ARG A 35 14.32 24.51 4.48
N TYR A 36 14.40 23.75 5.56
CA TYR A 36 15.68 23.25 6.00
C TYR A 36 16.03 21.91 5.36
N TYR A 37 17.28 21.80 4.92
CA TYR A 37 17.76 20.60 4.27
C TYR A 37 19.17 20.26 4.75
N ALA A 38 19.59 19.01 4.52
CA ALA A 38 20.96 18.59 4.77
C ALA A 38 21.73 18.51 3.45
N MET A 39 22.88 19.17 3.39
CA MET A 39 23.70 19.15 2.19
C MET A 39 25.02 18.45 2.37
N LYS A 40 25.20 17.39 1.59
CA LYS A 40 26.47 16.68 1.55
C LYS A 40 27.33 17.38 0.52
N ILE A 41 28.52 17.81 0.94
CA ILE A 41 29.41 18.56 0.07
C ILE A 41 30.73 17.79 -0.14
N LEU A 42 30.82 17.16 -1.31
CA LEU A 42 31.94 16.30 -1.67
C LEU A 42 32.97 17.07 -2.48
N LYS A 43 34.22 17.05 -2.04
CA LYS A 43 35.32 17.61 -2.81
C LYS A 43 35.68 16.68 -3.97
N LYS A 44 35.59 17.20 -5.20
CA LYS A 44 35.76 16.41 -6.42
C LYS A 44 37.11 15.69 -6.52
N GLU A 45 38.18 16.36 -6.09
CA GLU A 45 39.53 15.77 -6.10
C GLU A 45 39.53 14.50 -5.25
N VAL A 46 39.12 14.65 -3.99
CA VAL A 46 39.08 13.53 -3.05
C VAL A 46 38.31 12.35 -3.63
N ILE A 47 37.12 12.63 -4.18
CA ILE A 47 36.31 11.63 -4.86
C ILE A 47 37.09 10.89 -5.97
N VAL A 48 37.70 11.64 -6.88
CA VAL A 48 38.43 11.04 -8.01
C VAL A 48 39.67 10.28 -7.56
N ALA A 49 40.45 10.89 -6.65
CA ALA A 49 41.71 10.32 -6.16
C ALA A 49 41.50 9.09 -5.25
N LYS A 50 40.59 9.21 -4.28
CA LYS A 50 40.24 8.08 -3.40
C LYS A 50 39.31 7.08 -4.09
N ASP A 51 39.02 7.33 -5.37
CA ASP A 51 38.27 6.41 -6.22
C ASP A 51 36.85 6.13 -5.70
N GLU A 52 36.14 7.19 -5.37
CA GLU A 52 34.81 7.05 -4.77
C GLU A 52 33.70 7.42 -5.75
N VAL A 53 34.07 7.59 -7.01
CA VAL A 53 33.14 8.07 -8.02
C VAL A 53 31.93 7.15 -8.16
N ALA A 54 32.20 5.88 -8.42
CA ALA A 54 31.14 4.89 -8.61
C ALA A 54 30.07 4.93 -7.51
N HIS A 55 30.50 5.01 -6.25
CA HIS A 55 29.58 5.09 -5.12
C HIS A 55 28.75 6.38 -5.16
N THR A 56 29.45 7.51 -5.26
CA THR A 56 28.81 8.81 -5.44
C THR A 56 27.67 8.77 -6.46
N LEU A 57 27.95 8.15 -7.62
CA LEU A 57 26.97 8.11 -8.71
C LEU A 57 25.84 7.14 -8.40
N THR A 58 26.15 6.06 -7.68
CA THR A 58 25.15 5.08 -7.29
C THR A 58 24.16 5.70 -6.33
N GLU A 59 24.66 6.54 -5.43
CA GLU A 59 23.79 7.22 -4.49
C GLU A 59 22.89 8.21 -5.21
N ASN A 60 23.43 8.85 -6.24
CA ASN A 60 22.65 9.77 -7.06
C ASN A 60 21.49 9.04 -7.73
N ARG A 61 21.79 7.97 -8.45
CA ARG A 61 20.78 7.17 -9.14
C ARG A 61 19.76 6.55 -8.19
N VAL A 62 20.23 6.11 -7.02
CA VAL A 62 19.36 5.44 -6.06
C VAL A 62 18.36 6.41 -5.43
N LEU A 63 18.85 7.58 -5.03
CA LEU A 63 18.02 8.61 -4.42
C LEU A 63 16.96 9.17 -5.37
N GLN A 64 17.40 9.59 -6.56
CA GLN A 64 16.51 10.07 -7.63
C GLN A 64 15.35 9.12 -7.90
N ASN A 65 15.65 7.83 -7.91
CA ASN A 65 14.70 6.79 -8.28
C ASN A 65 14.03 6.10 -7.08
N SER A 66 14.09 6.72 -5.91
CA SER A 66 13.38 6.16 -4.75
C SER A 66 12.53 7.19 -4.04
N ARG A 67 11.34 6.77 -3.63
CA ARG A 67 10.40 7.63 -2.93
C ARG A 67 9.72 6.79 -1.84
N HIS A 68 10.09 7.01 -0.59
CA HIS A 68 9.56 6.21 0.50
C HIS A 68 9.61 7.03 1.77
N PRO A 69 8.57 6.90 2.63
CA PRO A 69 8.48 7.57 3.93
C PRO A 69 9.73 7.48 4.80
N PHE A 70 10.42 6.35 4.76
CA PHE A 70 11.58 6.11 5.64
C PHE A 70 12.93 6.08 4.91
N LEU A 71 12.95 6.66 3.70
CA LEU A 71 14.20 6.90 3.00
C LEU A 71 14.37 8.40 2.79
N THR A 72 15.57 8.88 3.09
CA THR A 72 15.94 10.27 2.86
C THR A 72 15.64 10.65 1.41
N ALA A 73 14.77 11.63 1.23
CA ALA A 73 14.44 12.12 -0.11
C ALA A 73 15.52 13.07 -0.58
N LEU A 74 15.79 13.05 -1.89
CA LEU A 74 16.72 13.99 -2.49
C LEU A 74 15.96 15.08 -3.24
N LYS A 75 16.21 16.34 -2.89
CA LYS A 75 15.59 17.45 -3.61
C LYS A 75 16.42 17.92 -4.81
N TYR A 76 17.62 18.45 -4.56
CA TYR A 76 18.52 18.81 -5.65
C TYR A 76 19.80 18.01 -5.60
N SER A 77 20.39 17.84 -6.78
CA SER A 77 21.77 17.40 -6.89
C SER A 77 22.39 18.29 -7.94
N PHE A 78 23.51 18.93 -7.60
CA PHE A 78 24.20 19.84 -8.52
C PHE A 78 25.70 19.80 -8.29
N GLN A 79 26.45 20.32 -9.24
CA GLN A 79 27.91 20.31 -9.14
C GLN A 79 28.52 21.65 -9.52
N THR A 80 29.51 22.08 -8.75
CA THR A 80 30.32 23.23 -9.11
C THR A 80 31.55 22.72 -9.86
N HIS A 81 32.48 23.63 -10.13
CA HIS A 81 33.76 23.30 -10.75
C HIS A 81 34.56 22.30 -9.91
N ASP A 82 34.57 22.52 -8.59
CA ASP A 82 35.40 21.75 -7.66
C ASP A 82 34.62 20.80 -6.70
N ARG A 83 33.29 20.92 -6.68
CA ARG A 83 32.46 20.22 -5.68
C ARG A 83 31.30 19.40 -6.28
N LEU A 84 30.78 18.47 -5.47
CA LEU A 84 29.52 17.76 -5.73
C LEU A 84 28.57 17.95 -4.56
N CYS A 85 27.32 18.26 -4.85
CA CYS A 85 26.34 18.55 -3.78
C CYS A 85 25.09 17.67 -3.83
N PHE A 86 24.63 17.30 -2.65
CA PHE A 86 23.39 16.55 -2.50
C PHE A 86 22.53 17.28 -1.47
N VAL A 87 21.49 17.96 -1.93
CA VAL A 87 20.54 18.61 -1.00
C VAL A 87 19.43 17.61 -0.66
N MET A 88 19.36 17.22 0.62
CA MET A 88 18.49 16.12 1.07
C MET A 88 17.62 16.49 2.29
N GLU A 89 16.57 15.71 2.50
CA GLU A 89 15.71 15.86 3.69
C GLU A 89 16.54 15.85 4.98
N TYR A 90 16.34 16.87 5.79
CA TYR A 90 17.05 16.99 7.06
C TYR A 90 16.42 16.07 8.10
N ALA A 91 17.25 15.28 8.77
CA ALA A 91 16.76 14.41 9.83
C ALA A 91 17.29 14.93 11.15
N ASN A 92 16.50 15.77 11.81
CA ASN A 92 16.99 16.47 12.99
C ASN A 92 16.98 15.65 14.26
N GLY A 93 16.49 14.42 14.16
CA GLY A 93 16.41 13.52 15.29
C GLY A 93 17.72 12.83 15.55
N GLY A 94 18.69 13.01 14.67
CA GLY A 94 20.00 12.36 14.77
C GLY A 94 20.00 10.86 14.55
N GLU A 95 21.14 10.24 14.82
CA GLU A 95 21.37 8.82 14.54
C GLU A 95 20.88 7.91 15.66
N LEU A 96 20.32 6.77 15.29
CA LEU A 96 20.02 5.74 16.28
C LEU A 96 21.21 5.45 17.18
N PHE A 97 22.41 5.45 16.59
CA PHE A 97 23.68 5.27 17.30
C PHE A 97 23.87 6.28 18.43
N PHE A 98 23.44 7.51 18.20
CA PHE A 98 23.43 8.53 19.24
C PHE A 98 22.56 8.06 20.39
N HIS A 99 21.28 7.86 20.12
CA HIS A 99 20.30 7.55 21.17
C HIS A 99 20.61 6.30 21.96
N LEU A 100 20.96 5.23 21.26
CA LEU A 100 21.24 3.95 21.89
C LEU A 100 22.50 3.99 22.76
N SER A 101 23.49 4.81 22.37
CA SER A 101 24.65 5.08 23.23
C SER A 101 24.16 5.64 24.56
N ARG A 102 23.32 6.67 24.50
CA ARG A 102 22.75 7.27 25.70
C ARG A 102 21.93 6.30 26.54
N GLU A 103 21.03 5.54 25.91
CA GLU A 103 20.05 4.74 26.65
C GLU A 103 20.42 3.28 26.93
N ARG A 104 21.56 2.83 26.40
CA ARG A 104 22.00 1.42 26.47
C ARG A 104 21.11 0.42 25.71
N VAL A 105 19.84 0.33 26.08
CA VAL A 105 18.94 -0.64 25.47
C VAL A 105 17.59 0.05 25.16
N PHE A 106 16.93 -0.39 24.10
CA PHE A 106 15.52 0.02 23.86
C PHE A 106 14.65 -1.12 24.33
N SER A 107 13.37 -0.83 24.56
CA SER A 107 12.39 -1.86 24.83
C SER A 107 11.97 -2.55 23.53
N GLU A 108 11.38 -3.72 23.68
CA GLU A 108 10.90 -4.49 22.54
C GLU A 108 9.91 -3.68 21.71
N ASP A 109 8.91 -3.10 22.37
CA ASP A 109 7.97 -2.21 21.68
C ASP A 109 8.69 -1.17 20.82
N ARG A 110 9.70 -0.53 21.41
CA ARG A 110 10.42 0.53 20.73
C ARG A 110 11.24 -0.01 19.55
N ALA A 111 11.89 -1.15 19.77
CA ALA A 111 12.66 -1.84 18.75
C ALA A 111 11.77 -2.36 17.61
N ARG A 112 10.55 -2.75 17.97
CA ARG A 112 9.57 -3.19 17.00
C ARG A 112 9.16 -2.02 16.10
N PHE A 113 8.97 -0.85 16.69
CA PHE A 113 8.64 0.34 15.92
C PHE A 113 9.69 0.62 14.84
N TYR A 114 10.94 0.79 15.25
CA TYR A 114 12.02 1.04 14.30
C TYR A 114 12.15 -0.13 13.31
N GLY A 115 12.00 -1.35 13.83
CA GLY A 115 12.13 -2.56 13.02
C GLY A 115 11.13 -2.58 11.88
N ALA A 116 9.85 -2.41 12.21
CA ALA A 116 8.80 -2.33 11.21
C ALA A 116 9.14 -1.29 10.15
N GLU A 117 9.55 -0.12 10.59
CA GLU A 117 9.81 0.95 9.65
C GLU A 117 10.98 0.61 8.73
N ILE A 118 12.00 -0.05 9.28
CA ILE A 118 13.15 -0.45 8.49
C ILE A 118 12.73 -1.53 7.50
N VAL A 119 11.86 -2.44 7.93
CA VAL A 119 11.38 -3.47 7.05
C VAL A 119 10.62 -2.86 5.89
N SER A 120 9.74 -1.90 6.17
CA SER A 120 9.02 -1.19 5.12
C SER A 120 9.96 -0.64 4.04
N ALA A 121 11.01 0.06 4.47
CA ALA A 121 11.97 0.67 3.56
C ALA A 121 12.72 -0.38 2.75
N LEU A 122 13.17 -1.44 3.41
CA LEU A 122 14.01 -2.44 2.74
C LEU A 122 13.20 -3.24 1.73
N ASP A 123 11.94 -3.52 2.07
CA ASP A 123 11.00 -4.19 1.17
C ASP A 123 10.83 -3.42 -0.12
N TYR A 124 10.51 -2.12 0.00
CA TYR A 124 10.38 -1.24 -1.14
C TYR A 124 11.62 -1.28 -2.02
N LEU A 125 12.80 -1.16 -1.41
CA LEU A 125 14.05 -1.16 -2.18
C LEU A 125 14.30 -2.48 -2.91
N HIS A 126 13.89 -3.60 -2.30
CA HIS A 126 14.04 -4.92 -2.91
C HIS A 126 13.05 -5.17 -4.05
N SER A 127 11.78 -5.29 -3.71
CA SER A 127 10.74 -5.71 -4.67
C SER A 127 10.28 -4.67 -5.70
N GLU A 128 10.27 -3.39 -5.33
CA GLU A 128 10.29 -2.31 -6.31
C GLU A 128 11.74 -1.95 -6.36
N LYS A 129 12.15 -1.11 -7.31
CA LYS A 129 13.53 -0.59 -7.35
C LYS A 129 14.70 -1.58 -7.58
N ASN A 130 14.52 -2.86 -7.22
CA ASN A 130 15.59 -3.88 -7.32
C ASN A 130 16.94 -3.38 -6.79
N VAL A 131 16.94 -2.90 -5.55
CA VAL A 131 18.15 -2.41 -4.91
C VAL A 131 18.47 -3.22 -3.65
N VAL A 132 19.74 -3.30 -3.31
CA VAL A 132 20.14 -3.91 -2.07
C VAL A 132 20.98 -2.89 -1.33
N TYR A 133 20.56 -2.54 -0.12
CA TYR A 133 21.18 -1.47 0.63
C TYR A 133 22.61 -1.79 1.09
N ARG A 134 22.79 -2.98 1.67
CA ARG A 134 24.11 -3.54 2.00
C ARG A 134 24.87 -2.97 3.19
N ASP A 135 24.50 -1.78 3.67
CA ASP A 135 25.26 -1.11 4.73
C ASP A 135 24.37 -0.67 5.88
N LEU A 136 23.39 -1.50 6.25
CA LEU A 136 22.51 -1.20 7.36
C LEU A 136 23.29 -1.25 8.67
N LYS A 137 23.11 -0.23 9.49
CA LYS A 137 23.82 -0.09 10.74
C LYS A 137 23.22 1.07 11.53
N LEU A 138 23.56 1.19 12.81
CA LEU A 138 22.93 2.21 13.66
C LEU A 138 23.24 3.62 13.19
N GLU A 139 24.42 3.79 12.60
CA GLU A 139 24.87 5.10 12.14
C GLU A 139 24.13 5.57 10.88
N ASN A 140 23.53 4.64 10.14
CA ASN A 140 22.90 5.01 8.88
C ASN A 140 21.40 5.16 9.04
N LEU A 141 20.95 5.01 10.28
CA LEU A 141 19.54 5.05 10.62
C LEU A 141 19.26 6.29 11.43
N MET A 142 18.59 7.25 10.82
CA MET A 142 18.32 8.49 11.50
C MET A 142 16.85 8.69 11.83
N LEU A 143 16.56 9.70 12.63
CA LEU A 143 15.18 10.07 12.97
C LEU A 143 14.82 11.44 12.38
N ASP A 144 13.58 11.60 11.92
CA ASP A 144 13.10 12.93 11.56
C ASP A 144 12.58 13.64 12.80
N LYS A 145 11.94 14.80 12.63
CA LYS A 145 11.44 15.58 13.76
C LYS A 145 10.36 14.85 14.56
N ASP A 146 9.62 13.96 13.91
CA ASP A 146 8.54 13.18 14.55
C ASP A 146 9.02 11.94 15.30
N GLY A 147 10.18 11.40 14.90
CA GLY A 147 10.70 10.17 15.51
C GLY A 147 10.55 8.95 14.63
N HIS A 148 10.38 9.21 13.33
CA HIS A 148 10.30 8.17 12.32
C HIS A 148 11.69 7.98 11.70
N ILE A 149 11.98 6.73 11.34
CA ILE A 149 13.23 6.33 10.71
C ILE A 149 13.48 7.06 9.37
N LYS A 150 14.70 7.54 9.17
CA LYS A 150 15.17 7.93 7.83
C LYS A 150 16.51 7.27 7.56
N ILE A 151 16.60 6.54 6.46
CA ILE A 151 17.85 5.88 6.08
C ILE A 151 18.65 6.79 5.16
N THR A 152 19.92 6.98 5.48
CA THR A 152 20.84 7.78 4.65
C THR A 152 21.99 6.93 4.11
N ASP A 153 22.83 7.54 3.29
CA ASP A 153 24.08 6.93 2.82
C ASP A 153 23.85 5.72 1.90
N PHE A 154 23.55 6.00 0.65
CA PHE A 154 23.19 4.92 -0.27
C PHE A 154 24.33 4.52 -1.21
N GLY A 155 25.55 4.94 -0.89
CA GLY A 155 26.71 4.71 -1.73
C GLY A 155 27.10 3.26 -1.95
N LEU A 156 26.77 2.39 -1.01
CA LEU A 156 27.16 1.00 -1.11
C LEU A 156 26.04 0.09 -1.63
N CYS A 157 24.97 0.71 -2.12
CA CYS A 157 23.87 -0.04 -2.72
C CYS A 157 24.31 -0.77 -3.97
N LYS A 158 23.53 -1.77 -4.34
CA LYS A 158 23.70 -2.45 -5.61
C LYS A 158 22.37 -2.37 -6.33
N GLU A 159 22.45 -2.11 -7.64
CA GLU A 159 21.25 -2.02 -8.47
C GLU A 159 21.11 -3.23 -9.37
N GLY A 160 19.86 -3.52 -9.75
CA GLY A 160 19.58 -4.61 -10.67
C GLY A 160 19.48 -5.99 -10.06
N ILE A 161 19.41 -6.08 -8.73
CA ILE A 161 19.24 -7.37 -8.04
C ILE A 161 17.75 -7.71 -7.95
N LYS A 162 17.36 -8.83 -8.57
CA LYS A 162 15.95 -9.14 -8.85
C LYS A 162 15.34 -10.29 -8.04
N ASP A 163 16.18 -11.05 -7.35
CA ASP A 163 15.74 -12.23 -6.61
C ASP A 163 17.00 -12.92 -6.15
N GLY A 164 17.38 -13.96 -6.87
CA GLY A 164 18.55 -14.74 -6.54
C GLY A 164 19.77 -14.07 -7.12
N ALA A 165 19.57 -12.92 -7.76
CA ALA A 165 20.69 -12.17 -8.34
C ALA A 165 21.78 -12.00 -7.27
N THR A 166 22.97 -12.53 -7.55
CA THR A 166 24.03 -12.54 -6.56
C THR A 166 25.12 -11.51 -6.89
N MET A 167 25.85 -11.12 -5.86
CA MET A 167 26.84 -10.05 -5.92
C MET A 167 28.19 -10.60 -5.43
N LYS A 168 29.24 -9.81 -5.63
CA LYS A 168 30.60 -10.26 -5.35
C LYS A 168 31.41 -9.30 -4.51
N TPO A 169 31.06 -8.01 -4.56
CA TPO A 169 31.83 -6.99 -3.85
CB TPO A 169 31.39 -5.59 -4.25
CG2 TPO A 169 32.40 -4.51 -3.87
OG1 TPO A 169 31.27 -5.59 -5.66
P TPO A 169 29.87 -5.25 -6.37
O1P TPO A 169 29.62 -3.83 -5.93
O2P TPO A 169 30.13 -5.43 -7.84
O3P TPO A 169 28.96 -6.32 -5.79
C TPO A 169 31.84 -7.18 -2.35
O TPO A 169 30.81 -7.49 -1.74
N PHE A 170 33.02 -7.01 -1.78
CA PHE A 170 33.21 -7.07 -0.34
C PHE A 170 33.15 -5.64 0.14
N CYS A 171 32.01 -5.28 0.71
CA CYS A 171 31.75 -3.93 1.17
C CYS A 171 30.71 -3.93 2.29
N GLY A 172 30.64 -2.81 3.02
CA GLY A 172 29.70 -2.66 4.13
C GLY A 172 30.38 -2.06 5.35
N THR A 173 30.10 -2.62 6.52
CA THR A 173 30.76 -2.21 7.76
C THR A 173 31.13 -3.47 8.53
N PRO A 174 32.43 -3.66 8.85
CA PRO A 174 32.92 -4.96 9.33
C PRO A 174 32.04 -5.66 10.37
N GLU A 175 31.54 -4.89 11.35
CA GLU A 175 30.74 -5.44 12.43
C GLU A 175 29.38 -5.98 11.98
N TYR A 176 28.93 -5.56 10.81
CA TYR A 176 27.60 -5.93 10.30
C TYR A 176 27.63 -6.91 9.13
N LEU A 177 28.83 -7.22 8.63
CA LEU A 177 29.01 -8.08 7.46
C LEU A 177 28.42 -9.44 7.70
N ALA A 178 27.65 -9.92 6.74
CA ALA A 178 26.95 -11.17 6.86
C ALA A 178 27.89 -12.34 6.57
N PRO A 179 27.63 -13.51 7.19
CA PRO A 179 28.54 -14.61 7.00
C PRO A 179 28.88 -14.88 5.52
N GLU A 180 27.88 -14.94 4.65
CA GLU A 180 28.14 -15.22 3.24
C GLU A 180 29.04 -14.17 2.55
N VAL A 181 29.08 -12.95 3.07
CA VAL A 181 29.99 -11.94 2.54
C VAL A 181 31.38 -12.15 3.10
N LEU A 182 31.44 -12.68 4.32
CA LEU A 182 32.70 -12.96 4.99
C LEU A 182 33.40 -14.16 4.39
N GLU A 183 32.66 -15.26 4.14
CA GLU A 183 33.11 -16.25 3.15
C GLU A 183 33.24 -15.39 1.89
N ASP A 184 33.99 -15.79 0.89
CA ASP A 184 34.04 -14.90 -0.27
C ASP A 184 32.99 -15.32 -1.30
N ASN A 185 31.80 -15.68 -0.80
CA ASN A 185 30.74 -16.20 -1.66
C ASN A 185 29.97 -15.14 -2.44
N ASP A 186 29.30 -15.60 -3.50
CA ASP A 186 28.24 -14.85 -4.15
C ASP A 186 27.12 -14.64 -3.14
N TYR A 187 26.53 -13.46 -3.10
CA TYR A 187 25.45 -13.19 -2.12
C TYR A 187 24.24 -12.45 -2.68
N GLY A 188 23.06 -12.87 -2.25
CA GLY A 188 21.80 -12.25 -2.65
C GLY A 188 21.35 -11.10 -1.76
N ARG A 189 20.10 -10.70 -1.92
CA ARG A 189 19.57 -9.56 -1.21
C ARG A 189 19.34 -9.84 0.27
N ALA A 190 19.59 -11.08 0.68
CA ALA A 190 19.38 -11.47 2.07
C ALA A 190 20.44 -10.95 3.07
N VAL A 191 21.49 -10.28 2.59
CA VAL A 191 22.44 -9.67 3.53
C VAL A 191 21.80 -8.52 4.31
N ASP A 192 20.81 -7.88 3.68
CA ASP A 192 20.11 -6.77 4.29
C ASP A 192 19.37 -7.24 5.53
N TRP A 193 18.89 -8.49 5.49
CA TRP A 193 18.16 -9.08 6.62
C TRP A 193 19.10 -9.47 7.74
N TRP A 194 20.29 -9.98 7.39
CA TRP A 194 21.34 -10.14 8.38
C TRP A 194 21.51 -8.82 9.12
N GLY A 195 21.72 -7.74 8.34
CA GLY A 195 21.87 -6.37 8.85
C GLY A 195 20.71 -5.96 9.77
N LEU A 196 19.50 -6.28 9.35
CA LEU A 196 18.34 -5.98 10.15
C LEU A 196 18.47 -6.71 11.47
N GLY A 197 18.90 -7.97 11.40
CA GLY A 197 19.10 -8.76 12.58
C GLY A 197 20.06 -8.13 13.56
N VAL A 198 21.20 -7.66 13.07
CA VAL A 198 22.21 -7.08 13.94
C VAL A 198 21.71 -5.78 14.54
N VAL A 199 21.08 -4.93 13.72
CA VAL A 199 20.54 -3.66 14.21
C VAL A 199 19.53 -3.89 15.34
N MET A 200 18.65 -4.87 15.13
CA MET A 200 17.57 -5.13 16.08
C MET A 200 18.07 -5.85 17.31
N TYR A 201 19.08 -6.69 17.14
CA TYR A 201 19.81 -7.30 18.24
C TYR A 201 20.38 -6.21 19.15
N GLU A 202 21.07 -5.24 18.54
CA GLU A 202 21.66 -4.11 19.24
C GLU A 202 20.64 -3.28 20.00
N MET A 203 19.46 -3.10 19.41
CA MET A 203 18.41 -2.32 20.06
C MET A 203 17.84 -3.05 21.26
N MET A 204 17.61 -4.36 21.13
CA MET A 204 17.00 -5.12 22.22
C MET A 204 17.97 -5.69 23.25
N CYS A 205 19.20 -5.94 22.83
CA CYS A 205 20.18 -6.56 23.73
C CYS A 205 21.21 -5.57 24.25
N GLY A 206 21.29 -4.40 23.62
CA GLY A 206 22.23 -3.37 24.07
C GLY A 206 23.67 -3.56 23.65
N ARG A 207 23.89 -4.48 22.70
CA ARG A 207 25.24 -4.77 22.20
C ARG A 207 25.22 -5.48 20.85
N LEU A 208 26.33 -5.39 20.12
CA LEU A 208 26.55 -6.16 18.89
C LEU A 208 26.54 -7.67 19.19
N PRO A 209 25.90 -8.49 18.32
CA PRO A 209 25.82 -9.92 18.59
C PRO A 209 27.16 -10.61 18.47
N PHE A 210 28.10 -10.00 17.76
CA PHE A 210 29.45 -10.50 17.63
C PHE A 210 30.40 -9.31 17.67
N TYR A 211 31.29 -9.29 18.64
CA TYR A 211 32.28 -8.22 18.68
C TYR A 211 33.64 -8.66 19.18
N ASN A 212 34.64 -8.38 18.36
CA ASN A 212 36.01 -8.33 18.82
C ASN A 212 36.61 -7.09 18.21
N GLN A 213 37.52 -6.46 18.94
CA GLN A 213 38.15 -5.24 18.51
C GLN A 213 38.92 -5.46 17.22
N ASP A 214 39.38 -6.69 17.04
CA ASP A 214 40.19 -7.12 15.90
C ASP A 214 39.30 -7.74 14.84
N HIS A 215 39.34 -7.17 13.63
CA HIS A 215 38.49 -7.58 12.52
C HIS A 215 38.49 -9.07 12.21
N GLU A 216 39.66 -9.69 12.18
CA GLU A 216 39.72 -11.10 11.81
C GLU A 216 39.08 -11.96 12.89
N LYS A 217 39.41 -11.67 14.16
CA LYS A 217 38.71 -12.27 15.29
C LYS A 217 37.19 -12.06 15.17
N LEU A 218 36.78 -10.83 14.84
CA LEU A 218 35.37 -10.48 14.67
C LEU A 218 34.71 -11.33 13.59
N PHE A 219 35.35 -11.42 12.44
CA PHE A 219 34.85 -12.22 11.31
C PHE A 219 34.76 -13.69 11.70
N GLU A 220 35.66 -14.12 12.56
CA GLU A 220 35.69 -15.49 13.03
C GLU A 220 34.48 -15.77 13.92
N LEU A 221 34.12 -14.82 14.79
CA LEU A 221 32.91 -14.94 15.60
C LEU A 221 31.69 -15.03 14.71
N ILE A 222 31.59 -14.10 13.76
CA ILE A 222 30.45 -14.05 12.85
C ILE A 222 30.26 -15.35 12.07
N LEU A 223 31.38 -15.99 11.71
CA LEU A 223 31.28 -17.20 10.91
C LEU A 223 30.97 -18.46 11.71
N MET A 224 31.43 -18.49 12.97
CA MET A 224 31.50 -19.73 13.74
C MET A 224 30.68 -19.80 15.02
N GLU A 225 30.52 -18.68 15.73
CA GLU A 225 29.83 -18.65 17.03
C GLU A 225 28.31 -18.60 16.85
N GLU A 226 27.59 -19.48 17.55
CA GLU A 226 26.11 -19.43 17.50
C GLU A 226 25.54 -18.38 18.47
N ILE A 227 24.54 -17.61 18.00
CA ILE A 227 23.98 -16.48 18.77
C ILE A 227 23.57 -16.85 20.17
N ARG A 228 23.77 -15.93 21.08
CA ARG A 228 23.23 -16.06 22.41
C ARG A 228 22.46 -14.80 22.73
N PHE A 229 21.44 -14.93 23.57
CA PHE A 229 20.57 -13.82 23.91
C PHE A 229 20.59 -13.58 25.40
N PRO A 230 20.32 -12.34 25.84
CA PRO A 230 20.04 -12.02 27.25
C PRO A 230 18.81 -12.81 27.73
N ARG A 231 18.82 -13.27 28.99
CA ARG A 231 17.77 -14.17 29.48
C ARG A 231 16.43 -13.48 29.69
N THR A 232 16.43 -12.15 29.65
CA THR A 232 15.21 -11.38 29.77
C THR A 232 14.50 -11.17 28.44
N LEU A 233 15.10 -11.66 27.36
CA LEU A 233 14.53 -11.42 26.04
C LEU A 233 13.34 -12.34 25.80
N GLY A 234 12.22 -11.74 25.39
CA GLY A 234 11.00 -12.49 25.06
C GLY A 234 11.21 -13.46 23.91
N PRO A 235 10.47 -14.57 23.89
CA PRO A 235 10.74 -15.57 22.87
C PRO A 235 10.41 -15.10 21.43
N GLU A 236 9.38 -14.28 21.27
CA GLU A 236 9.06 -13.72 19.95
C GLU A 236 10.23 -12.94 19.35
N ALA A 237 10.87 -12.11 20.16
CA ALA A 237 12.16 -11.45 19.80
C ALA A 237 13.26 -12.47 19.49
N LYS A 238 13.38 -13.47 20.35
CA LYS A 238 14.46 -14.45 20.28
C LYS A 238 14.37 -15.21 18.98
N SER A 239 13.15 -15.60 18.64
CA SER A 239 12.85 -16.26 17.38
C SER A 239 13.21 -15.36 16.22
N LEU A 240 12.75 -14.11 16.24
CA LEU A 240 13.02 -13.18 15.13
C LEU A 240 14.51 -13.07 14.89
N LEU A 241 15.26 -12.74 15.95
CA LEU A 241 16.71 -12.56 15.84
C LEU A 241 17.44 -13.84 15.42
N SER A 242 16.98 -14.99 15.89
CA SER A 242 17.47 -16.28 15.39
C SER A 242 17.28 -16.39 13.88
N GLY A 243 16.07 -16.11 13.41
CA GLY A 243 15.73 -16.17 12.00
C GLY A 243 16.58 -15.23 11.19
N LEU A 244 16.61 -13.97 11.59
CA LEU A 244 17.43 -13.00 10.88
C LEU A 244 18.93 -13.34 10.94
N LEU A 245 19.41 -13.86 12.07
CA LEU A 245 20.86 -14.07 12.23
C LEU A 245 21.34 -15.50 11.89
N LYS A 246 20.53 -16.24 11.13
CA LYS A 246 20.99 -17.51 10.57
C LYS A 246 22.20 -17.25 9.68
N LYS A 247 23.19 -18.13 9.76
CA LYS A 247 24.43 -17.91 9.00
C LYS A 247 24.29 -18.31 7.52
N ASP A 248 23.50 -19.33 7.25
CA ASP A 248 23.22 -19.70 5.87
C ASP A 248 22.04 -18.86 5.38
N PRO A 249 22.29 -17.97 4.39
CA PRO A 249 21.26 -17.07 3.84
C PRO A 249 20.03 -17.81 3.31
N LYS A 250 20.22 -19.03 2.83
CA LYS A 250 19.11 -19.81 2.30
C LYS A 250 18.17 -20.27 3.43
N GLN A 251 18.62 -20.13 4.66
CA GLN A 251 17.80 -20.46 5.83
C GLN A 251 17.29 -19.22 6.59
N ARG A 252 17.91 -18.08 6.30
CA ARG A 252 17.61 -16.84 6.95
C ARG A 252 16.20 -16.40 6.62
N LEU A 253 15.51 -15.92 7.64
CA LEU A 253 14.23 -15.27 7.48
C LEU A 253 14.41 -14.11 6.50
N GLY A 254 13.64 -14.13 5.42
CA GLY A 254 13.83 -13.17 4.34
C GLY A 254 14.68 -13.70 3.20
N GLY A 255 15.23 -14.89 3.36
CA GLY A 255 16.11 -15.49 2.34
C GLY A 255 15.45 -16.13 1.14
N GLY A 256 14.17 -16.51 1.27
CA GLY A 256 13.45 -17.14 0.18
C GLY A 256 12.98 -16.19 -0.91
N SER A 257 11.97 -16.63 -1.68
CA SER A 257 11.36 -15.81 -2.72
C SER A 257 10.43 -14.75 -2.13
N GLU A 258 10.08 -14.92 -0.85
CA GLU A 258 9.14 -14.03 -0.18
C GLU A 258 9.83 -12.76 0.31
N ASP A 259 11.15 -12.83 0.52
CA ASP A 259 11.93 -11.65 0.90
C ASP A 259 11.34 -11.03 2.19
N ALA A 260 11.16 -9.71 2.21
CA ALA A 260 10.57 -8.98 3.34
C ALA A 260 9.27 -9.57 3.83
N LYS A 261 8.45 -10.08 2.90
CA LYS A 261 7.14 -10.63 3.22
C LYS A 261 7.25 -11.68 4.32
N GLU A 262 8.35 -12.43 4.33
CA GLU A 262 8.58 -13.48 5.32
C GLU A 262 8.81 -12.90 6.73
N ILE A 263 9.52 -11.78 6.79
CA ILE A 263 9.78 -11.11 8.05
C ILE A 263 8.51 -10.42 8.54
N MET A 264 7.73 -9.89 7.61
CA MET A 264 6.49 -9.20 7.94
C MET A 264 5.50 -10.14 8.63
N GLN A 265 5.53 -11.41 8.22
CA GLN A 265 4.64 -12.46 8.72
C GLN A 265 5.08 -13.03 10.09
N HIS A 266 6.23 -12.58 10.61
CA HIS A 266 6.76 -13.15 11.85
C HIS A 266 6.01 -12.66 13.10
N ARG A 267 5.74 -13.58 14.03
CA ARG A 267 4.86 -13.29 15.16
C ARG A 267 5.38 -12.19 16.09
N PHE A 268 6.67 -11.87 16.01
CA PHE A 268 7.18 -10.65 16.66
C PHE A 268 6.42 -9.42 16.17
N PHE A 269 5.98 -9.43 14.91
CA PHE A 269 5.29 -8.28 14.33
C PHE A 269 3.75 -8.45 14.30
N ALA A 270 3.24 -9.41 15.07
CA ALA A 270 1.81 -9.79 15.03
C ALA A 270 0.83 -8.62 14.85
N GLY A 271 0.98 -7.58 15.66
CA GLY A 271 -0.04 -6.54 15.70
C GLY A 271 0.10 -5.45 14.64
N ILE A 272 1.15 -5.55 13.85
CA ILE A 272 1.51 -4.48 12.93
C ILE A 272 0.73 -4.57 11.62
N VAL A 273 0.00 -3.49 11.32
CA VAL A 273 -0.65 -3.33 10.03
C VAL A 273 0.36 -2.61 9.18
N TRP A 274 0.85 -3.30 8.15
CA TRP A 274 1.99 -2.81 7.39
C TRP A 274 1.66 -1.61 6.51
N GLN A 275 0.38 -1.42 6.18
CA GLN A 275 -0.04 -0.21 5.51
C GLN A 275 0.06 0.99 6.44
N HIS A 276 -0.29 0.77 7.72
CA HIS A 276 -0.23 1.86 8.69
C HIS A 276 1.21 2.26 9.00
N VAL A 277 2.13 1.30 8.98
CA VAL A 277 3.57 1.57 9.14
C VAL A 277 3.98 2.56 8.07
N TYR A 278 3.68 2.19 6.82
CA TYR A 278 4.00 2.99 5.65
C TYR A 278 3.37 4.39 5.71
N GLU A 279 2.14 4.45 6.19
CA GLU A 279 1.41 5.72 6.30
C GLU A 279 1.74 6.54 7.54
N LYS A 280 2.73 6.08 8.32
CA LYS A 280 3.17 6.76 9.53
C LYS A 280 2.08 6.91 10.59
N LYS A 281 1.09 6.03 10.54
CA LYS A 281 0.00 6.02 11.53
C LYS A 281 0.47 5.64 12.94
N LEU A 282 1.57 4.88 13.04
CA LEU A 282 2.09 4.41 14.33
C LEU A 282 2.70 5.48 15.22
N SER A 283 2.52 5.34 16.54
CA SER A 283 3.04 6.31 17.50
C SER A 283 4.52 6.09 17.78
N PRO A 284 5.36 7.08 17.40
CA PRO A 284 6.78 6.97 17.72
C PRO A 284 6.94 6.96 19.23
N PRO A 285 7.69 5.99 19.77
CA PRO A 285 7.83 5.87 21.21
C PRO A 285 8.87 6.85 21.76
N PHE A 286 9.37 7.73 20.89
CA PHE A 286 10.26 8.81 21.27
C PHE A 286 10.11 9.97 20.29
N LYS A 287 9.76 11.14 20.79
CA LYS A 287 9.79 12.33 19.96
C LYS A 287 11.06 13.13 20.28
N PRO A 288 11.87 13.43 19.24
CA PRO A 288 13.03 14.29 19.43
C PRO A 288 12.59 15.65 19.95
N GLN A 289 13.26 16.16 20.97
CA GLN A 289 12.81 17.37 21.64
C GLN A 289 13.61 18.57 21.15
N VAL A 290 13.59 18.75 19.83
CA VAL A 290 14.21 19.92 19.22
C VAL A 290 13.27 21.11 19.38
N THR A 291 13.79 22.19 19.97
CA THR A 291 13.01 23.41 20.15
C THR A 291 12.87 24.13 18.80
N SER A 292 13.99 24.61 18.28
CA SER A 292 14.04 25.23 16.95
C SER A 292 14.39 24.22 15.85
N GLU A 293 14.37 24.71 14.60
CA GLU A 293 14.73 23.92 13.43
C GLU A 293 16.25 23.76 13.31
N THR A 294 16.98 24.55 14.09
CA THR A 294 18.44 24.54 14.07
C THR A 294 19.04 23.81 15.28
N ASP A 295 18.15 23.27 16.12
CA ASP A 295 18.54 22.49 17.30
C ASP A 295 19.28 21.23 16.84
N THR A 296 20.59 21.19 17.10
CA THR A 296 21.42 20.09 16.64
C THR A 296 21.96 19.24 17.78
N ARG A 297 21.20 19.14 18.86
CA ARG A 297 21.66 18.44 20.06
C ARG A 297 21.77 16.93 19.91
N TYR A 298 21.02 16.38 18.95
CA TYR A 298 21.11 14.95 18.66
C TYR A 298 22.25 14.62 17.68
N PHE A 299 22.99 15.66 17.28
CA PHE A 299 24.19 15.51 16.47
C PHE A 299 25.45 15.64 17.33
N ASP A 300 26.56 15.09 16.84
CA ASP A 300 27.81 15.01 17.59
C ASP A 300 28.41 16.39 17.89
N GLU A 301 28.86 16.57 19.13
CA GLU A 301 29.32 17.88 19.63
C GLU A 301 30.56 18.45 18.90
N GLU A 302 31.45 17.57 18.45
CA GLU A 302 32.68 18.00 17.75
C GLU A 302 32.40 18.65 16.39
N PHE A 303 31.26 18.30 15.78
CA PHE A 303 30.83 18.91 14.52
C PHE A 303 29.93 20.12 14.75
N THR A 304 28.93 19.96 15.62
CA THR A 304 27.91 20.99 15.88
C THR A 304 28.47 22.40 16.13
N ALA A 305 29.64 22.47 16.79
CA ALA A 305 30.28 23.74 17.12
C ALA A 305 31.19 24.29 16.01
N GLN A 306 30.68 24.30 14.78
CA GLN A 306 31.39 24.78 13.58
C GLN A 306 32.69 24.04 13.23
N MET A 307 33.13 23.13 14.10
CA MET A 307 34.41 22.47 13.97
C MET A 307 34.24 21.05 13.45
N ARG A 327 39.53 16.69 -11.17
CA ARG A 327 38.44 17.65 -11.03
C ARG A 327 37.47 17.67 -12.25
N PRO A 328 37.03 16.48 -12.72
CA PRO A 328 36.26 16.46 -13.97
C PRO A 328 34.80 16.89 -13.82
N HIS A 329 34.14 17.13 -14.95
CA HIS A 329 32.71 17.32 -14.97
C HIS A 329 32.04 15.95 -14.87
N PHE A 330 30.91 15.88 -14.18
CA PHE A 330 30.18 14.63 -14.05
C PHE A 330 28.96 14.67 -14.96
N PRO A 331 29.03 13.96 -16.10
CA PRO A 331 27.89 13.93 -17.02
C PRO A 331 26.62 13.46 -16.31
N GLN A 332 25.53 14.19 -16.52
CA GLN A 332 24.20 13.78 -16.05
C GLN A 332 24.06 13.68 -14.51
N PHE A 333 24.95 14.35 -13.78
CA PHE A 333 24.91 14.35 -12.31
C PHE A 333 23.80 15.26 -11.78
N ASP A 334 23.62 16.40 -12.45
CA ASP A 334 22.66 17.41 -12.04
C ASP A 334 21.22 16.88 -12.06
N TYR A 335 20.43 17.32 -11.08
CA TYR A 335 19.08 16.81 -10.87
C TYR A 335 18.28 17.74 -9.98
N SER A 336 16.99 17.85 -10.28
CA SER A 336 16.03 18.57 -9.45
C SER A 336 14.77 17.73 -9.28
N ALA A 337 14.23 17.69 -8.06
CA ALA A 337 13.03 16.91 -7.76
C ALA A 337 11.82 17.48 -8.48
N SER A 338 10.95 16.59 -8.94
CA SER A 338 9.79 16.95 -9.76
C SER A 338 8.51 17.11 -8.92
N SER A 339 7.41 16.50 -9.39
CA SER A 339 6.09 16.60 -8.77
C SER A 339 5.14 15.51 -9.31
N ARG B 5 -26.31 15.71 -26.00
CA ARG B 5 -25.13 16.62 -26.05
C ARG B 5 -25.10 17.55 -24.82
N VAL B 6 -24.18 17.26 -23.91
CA VAL B 6 -23.88 18.10 -22.73
C VAL B 6 -22.36 18.19 -22.50
N THR B 7 -21.93 19.25 -21.82
CA THR B 7 -20.51 19.46 -21.52
C THR B 7 -20.30 19.74 -20.04
N MET B 8 -19.04 19.90 -19.64
CA MET B 8 -18.66 20.13 -18.24
C MET B 8 -19.44 21.29 -17.59
N ASN B 9 -19.59 22.40 -18.31
CA ASN B 9 -20.20 23.60 -17.75
C ASN B 9 -21.74 23.64 -17.72
N GLU B 10 -22.38 22.47 -17.84
CA GLU B 10 -23.81 22.33 -17.58
C GLU B 10 -24.06 21.91 -16.13
N PHE B 11 -22.98 21.77 -15.36
CA PHE B 11 -23.04 21.22 -14.02
C PHE B 11 -22.29 22.08 -13.01
N GLU B 12 -22.82 22.16 -11.80
CA GLU B 12 -22.09 22.74 -10.67
C GLU B 12 -21.35 21.63 -9.91
N TYR B 13 -20.21 21.95 -9.34
CA TYR B 13 -19.35 20.95 -8.69
C TYR B 13 -19.22 21.21 -7.20
N LEU B 14 -19.87 20.38 -6.39
CA LEU B 14 -20.09 20.69 -4.98
C LEU B 14 -19.15 19.96 -4.00
N LYS B 15 -19.25 18.63 -3.94
CA LYS B 15 -18.44 17.86 -2.99
C LYS B 15 -17.82 16.61 -3.60
N LEU B 16 -16.57 16.36 -3.24
CA LEU B 16 -15.86 15.16 -3.69
C LEU B 16 -16.26 13.96 -2.86
N LEU B 17 -16.56 12.85 -3.53
CA LEU B 17 -17.01 11.63 -2.85
C LEU B 17 -15.93 10.55 -2.83
N GLY B 18 -15.09 10.54 -3.87
CA GLY B 18 -13.97 9.60 -3.96
C GLY B 18 -12.92 10.03 -4.98
N LYS B 19 -11.65 9.83 -4.63
CA LYS B 19 -10.54 10.08 -5.56
C LYS B 19 -9.76 8.80 -5.81
N GLY B 20 -9.57 8.46 -7.08
CA GLY B 20 -8.91 7.22 -7.46
C GLY B 20 -7.71 7.44 -8.37
N THR B 21 -7.11 6.33 -8.80
CA THR B 21 -5.92 6.35 -9.63
C THR B 21 -6.25 6.88 -11.04
N PHE B 22 -7.50 6.68 -11.46
CA PHE B 22 -7.94 6.99 -12.83
C PHE B 22 -8.73 8.30 -12.93
N GLY B 23 -9.17 8.80 -11.78
CA GLY B 23 -9.87 10.09 -11.73
C GLY B 23 -10.53 10.39 -10.38
N LYS B 24 -11.70 11.03 -10.46
CA LYS B 24 -12.43 11.46 -9.28
C LYS B 24 -13.93 11.26 -9.47
N VAL B 25 -14.68 11.23 -8.38
CA VAL B 25 -16.14 11.18 -8.42
C VAL B 25 -16.71 12.33 -7.61
N ILE B 26 -17.48 13.19 -8.27
CA ILE B 26 -18.00 14.40 -7.63
C ILE B 26 -19.52 14.40 -7.57
N LEU B 27 -20.05 14.85 -6.44
CA LEU B 27 -21.46 15.18 -6.34
C LEU B 27 -21.67 16.43 -7.18
N VAL B 28 -22.57 16.35 -8.15
CA VAL B 28 -22.87 17.49 -9.01
C VAL B 28 -24.34 17.90 -8.96
N LYS B 29 -24.61 19.14 -9.34
CA LYS B 29 -25.97 19.64 -9.56
C LYS B 29 -26.08 20.04 -11.03
N GLU B 30 -27.05 19.45 -11.73
CA GLU B 30 -27.32 19.86 -13.11
C GLU B 30 -27.99 21.24 -13.10
N LYS B 31 -27.25 22.25 -13.56
CA LYS B 31 -27.68 23.65 -13.53
C LYS B 31 -29.09 23.87 -14.10
N ALA B 32 -29.28 23.43 -15.34
CA ALA B 32 -30.55 23.58 -16.06
C ALA B 32 -31.78 22.95 -15.39
N THR B 33 -31.57 21.96 -14.53
CA THR B 33 -32.69 21.20 -13.96
C THR B 33 -32.71 21.16 -12.42
N GLY B 34 -31.56 21.33 -11.80
CA GLY B 34 -31.45 21.29 -10.34
C GLY B 34 -31.36 19.87 -9.76
N ARG B 35 -31.32 18.88 -10.63
CA ARG B 35 -31.21 17.48 -10.20
C ARG B 35 -29.77 17.19 -9.80
N TYR B 36 -29.61 16.40 -8.73
CA TYR B 36 -28.29 16.07 -8.21
C TYR B 36 -27.79 14.74 -8.76
N TYR B 37 -26.50 14.65 -9.02
CA TYR B 37 -25.91 13.45 -9.59
C TYR B 37 -24.52 13.19 -9.05
N ALA B 38 -24.02 11.99 -9.29
CA ALA B 38 -22.62 11.65 -9.07
C ALA B 38 -21.91 11.60 -10.41
N MET B 39 -20.81 12.33 -10.53
CA MET B 39 -20.04 12.35 -11.78
C MET B 39 -18.65 11.75 -11.61
N LYS B 40 -18.37 10.70 -12.38
CA LYS B 40 -17.05 10.11 -12.40
C LYS B 40 -16.26 10.75 -13.51
N ILE B 41 -15.19 11.42 -13.13
CA ILE B 41 -14.38 12.19 -14.07
C ILE B 41 -13.01 11.53 -14.17
N LEU B 42 -12.74 10.98 -15.35
CA LEU B 42 -11.51 10.23 -15.61
C LEU B 42 -10.65 10.99 -16.59
N LYS B 43 -9.39 11.22 -16.25
CA LYS B 43 -8.45 11.82 -17.18
C LYS B 43 -7.99 10.80 -18.21
N LYS B 44 -8.27 11.09 -19.48
CA LYS B 44 -7.97 10.20 -20.60
C LYS B 44 -6.51 9.78 -20.64
N GLU B 45 -5.64 10.73 -20.34
CA GLU B 45 -4.19 10.54 -20.24
C GLU B 45 -3.82 9.29 -19.42
N VAL B 46 -4.45 9.16 -18.25
CA VAL B 46 -4.19 8.05 -17.33
C VAL B 46 -4.74 6.71 -17.85
N ILE B 47 -5.87 6.79 -18.55
CA ILE B 47 -6.57 5.58 -19.03
C ILE B 47 -5.80 4.85 -20.12
N VAL B 48 -5.19 5.59 -21.05
CA VAL B 48 -4.33 4.95 -22.06
C VAL B 48 -3.01 4.50 -21.45
N ALA B 49 -2.44 5.34 -20.59
CA ALA B 49 -1.19 5.00 -19.92
C ALA B 49 -1.32 3.70 -19.12
N LYS B 50 -2.16 3.72 -18.09
CA LYS B 50 -2.33 2.54 -17.21
C LYS B 50 -3.13 1.41 -17.85
N ASP B 51 -3.50 1.59 -19.11
CA ASP B 51 -4.16 0.57 -19.92
C ASP B 51 -5.52 0.14 -19.35
N GLU B 52 -6.41 1.12 -19.16
CA GLU B 52 -7.73 0.88 -18.57
C GLU B 52 -8.83 1.18 -19.56
N VAL B 53 -8.47 1.28 -20.84
CA VAL B 53 -9.42 1.63 -21.90
C VAL B 53 -10.53 0.60 -21.98
N ALA B 54 -10.11 -0.68 -22.01
CA ALA B 54 -11.04 -1.80 -22.11
C ALA B 54 -12.08 -1.81 -20.97
N HIS B 55 -11.64 -1.44 -19.76
CA HIS B 55 -12.56 -1.37 -18.61
C HIS B 55 -13.55 -0.22 -18.73
N THR B 56 -13.05 0.99 -18.93
CA THR B 56 -13.91 2.15 -19.07
C THR B 56 -14.99 1.93 -20.12
N LEU B 57 -14.61 1.36 -21.27
CA LEU B 57 -15.56 1.09 -22.34
C LEU B 57 -16.62 0.08 -21.89
N THR B 58 -16.17 -1.00 -21.26
CA THR B 58 -17.05 -2.05 -20.75
C THR B 58 -18.03 -1.50 -19.71
N GLU B 59 -17.55 -0.61 -18.85
CA GLU B 59 -18.43 0.06 -17.90
C GLU B 59 -19.52 0.82 -18.65
N ASN B 60 -19.08 1.72 -19.53
CA ASN B 60 -19.99 2.51 -20.37
C ASN B 60 -21.03 1.64 -21.10
N ARG B 61 -20.56 0.55 -21.68
CA ARG B 61 -21.39 -0.36 -22.45
C ARG B 61 -22.40 -1.06 -21.55
N VAL B 62 -21.95 -1.46 -20.35
CA VAL B 62 -22.80 -2.17 -19.40
C VAL B 62 -23.77 -1.22 -18.69
N LEU B 63 -23.35 0.03 -18.48
CA LEU B 63 -24.23 1.05 -17.91
C LEU B 63 -25.36 1.44 -18.85
N GLN B 64 -25.01 1.67 -20.12
CA GLN B 64 -25.98 2.09 -21.14
C GLN B 64 -27.05 1.06 -21.39
N ASN B 65 -26.68 -0.20 -21.25
CA ASN B 65 -27.56 -1.29 -21.61
C ASN B 65 -28.24 -1.95 -20.42
N SER B 66 -28.02 -1.39 -19.23
CA SER B 66 -28.64 -1.93 -18.02
C SER B 66 -29.74 -1.04 -17.46
N ARG B 67 -30.89 -1.63 -17.19
CA ARG B 67 -31.99 -0.94 -16.56
C ARG B 67 -32.51 -1.77 -15.39
N HIS B 68 -32.26 -1.30 -14.17
CA HIS B 68 -32.58 -2.07 -12.95
C HIS B 68 -32.56 -1.20 -11.70
N PRO B 69 -33.53 -1.41 -10.79
CA PRO B 69 -33.69 -0.66 -9.54
C PRO B 69 -32.46 -0.66 -8.62
N PHE B 70 -31.61 -1.68 -8.71
CA PHE B 70 -30.47 -1.79 -7.81
C PHE B 70 -29.14 -1.75 -8.55
N LEU B 71 -29.18 -1.34 -9.81
CA LEU B 71 -27.97 -0.95 -10.52
C LEU B 71 -28.06 0.54 -10.76
N THR B 72 -26.97 1.23 -10.41
CA THR B 72 -26.78 2.64 -10.71
C THR B 72 -27.18 2.98 -12.15
N ALA B 73 -28.06 3.95 -12.31
CA ALA B 73 -28.52 4.38 -13.63
C ALA B 73 -27.60 5.46 -14.20
N LEU B 74 -27.28 5.34 -15.49
CA LEU B 74 -26.46 6.31 -16.18
C LEU B 74 -27.33 7.33 -16.88
N LYS B 75 -27.12 8.60 -16.57
CA LYS B 75 -27.87 9.68 -17.23
C LYS B 75 -27.10 10.27 -18.41
N TYR B 76 -25.91 10.80 -18.15
CA TYR B 76 -25.09 11.32 -19.22
C TYR B 76 -23.74 10.64 -19.27
N SER B 77 -23.32 10.27 -20.48
CA SER B 77 -21.94 9.91 -20.77
C SER B 77 -21.45 10.91 -21.81
N PHE B 78 -20.36 11.61 -21.50
CA PHE B 78 -19.77 12.55 -22.44
C PHE B 78 -18.26 12.65 -22.21
N GLN B 79 -17.56 13.28 -23.16
CA GLN B 79 -16.11 13.42 -23.11
C GLN B 79 -15.64 14.81 -23.50
N THR B 80 -14.42 15.13 -23.09
CA THR B 80 -13.69 16.30 -23.60
C THR B 80 -12.42 15.79 -24.30
N HIS B 81 -11.65 16.71 -24.86
CA HIS B 81 -10.36 16.38 -25.49
C HIS B 81 -9.47 15.49 -24.59
N ASP B 82 -9.58 15.68 -23.28
CA ASP B 82 -8.68 15.01 -22.32
C ASP B 82 -9.38 14.34 -21.11
N ARG B 83 -10.72 14.37 -21.08
CA ARG B 83 -11.47 13.80 -19.95
C ARG B 83 -12.67 12.94 -20.40
N LEU B 84 -12.93 11.88 -19.64
CA LEU B 84 -14.14 11.07 -19.78
C LEU B 84 -15.03 11.28 -18.57
N CYS B 85 -16.34 11.31 -18.82
CA CYS B 85 -17.29 11.64 -17.77
C CYS B 85 -18.54 10.75 -17.79
N PHE B 86 -18.84 10.16 -16.64
CA PHE B 86 -20.11 9.47 -16.41
C PHE B 86 -20.96 10.25 -15.40
N VAL B 87 -22.14 10.66 -15.82
CA VAL B 87 -23.11 11.25 -14.90
C VAL B 87 -24.11 10.16 -14.53
N MET B 88 -24.07 9.73 -13.27
CA MET B 88 -24.90 8.63 -12.79
C MET B 88 -25.75 9.10 -11.62
N GLU B 89 -26.81 8.36 -11.31
CA GLU B 89 -27.69 8.70 -10.18
C GLU B 89 -26.93 8.59 -8.87
N TYR B 90 -27.21 9.51 -7.97
CA TYR B 90 -26.43 9.69 -6.75
C TYR B 90 -26.97 8.80 -5.65
N ALA B 91 -26.07 8.10 -4.98
CA ALA B 91 -26.44 7.21 -3.89
C ALA B 91 -26.08 7.81 -2.53
N ASN B 92 -26.93 8.68 -2.02
CA ASN B 92 -26.59 9.50 -0.85
C ASN B 92 -26.39 8.73 0.46
N GLY B 93 -26.87 7.49 0.51
CA GLY B 93 -26.67 6.62 1.66
C GLY B 93 -25.21 6.21 1.86
N GLY B 94 -24.39 6.35 0.83
CA GLY B 94 -22.98 5.95 0.93
C GLY B 94 -22.78 4.46 0.81
N GLU B 95 -21.54 4.00 0.99
CA GLU B 95 -21.18 2.58 0.84
C GLU B 95 -21.69 1.75 2.01
N LEU B 96 -21.98 0.47 1.76
CA LEU B 96 -22.18 -0.48 2.84
C LEU B 96 -20.91 -0.64 3.69
N PHE B 97 -19.75 -0.61 3.06
CA PHE B 97 -18.48 -0.63 3.80
C PHE B 97 -18.50 0.41 4.92
N PHE B 98 -19.05 1.60 4.63
CA PHE B 98 -19.16 2.66 5.62
C PHE B 98 -19.99 2.20 6.81
N HIS B 99 -21.27 1.90 6.58
CA HIS B 99 -22.17 1.52 7.66
C HIS B 99 -21.74 0.28 8.44
N LEU B 100 -21.28 -0.76 7.75
CA LEU B 100 -20.84 -1.98 8.42
C LEU B 100 -19.62 -1.70 9.30
N SER B 101 -18.72 -0.82 8.86
CA SER B 101 -17.56 -0.45 9.68
C SER B 101 -17.97 0.19 11.01
N ARG B 102 -19.01 1.02 10.98
CA ARG B 102 -19.56 1.60 12.19
C ARG B 102 -20.26 0.55 13.04
N GLU B 103 -21.27 -0.12 12.47
CA GLU B 103 -22.17 -0.94 13.26
C GLU B 103 -21.62 -2.32 13.63
N ARG B 104 -20.41 -2.63 13.14
CA ARG B 104 -19.74 -3.92 13.39
C ARG B 104 -20.40 -5.13 12.71
N VAL B 105 -21.68 -5.38 12.99
CA VAL B 105 -22.44 -6.47 12.38
C VAL B 105 -23.89 -6.02 12.09
N PHE B 106 -24.51 -6.65 11.09
CA PHE B 106 -25.92 -6.43 10.78
C PHE B 106 -26.75 -7.59 11.31
N SER B 107 -28.01 -7.34 11.61
CA SER B 107 -28.94 -8.44 11.90
C SER B 107 -29.16 -9.30 10.67
N GLU B 108 -29.48 -10.57 10.87
CA GLU B 108 -29.80 -11.45 9.76
C GLU B 108 -30.87 -10.80 8.90
N ASP B 109 -31.84 -10.16 9.55
CA ASP B 109 -32.92 -9.46 8.84
C ASP B 109 -32.42 -8.37 7.88
N ARG B 110 -31.56 -7.50 8.40
CA ARG B 110 -30.97 -6.46 7.59
C ARG B 110 -30.04 -7.06 6.54
N ALA B 111 -29.41 -8.18 6.86
CA ALA B 111 -28.59 -8.88 5.89
C ALA B 111 -29.44 -9.46 4.76
N ARG B 112 -30.55 -10.10 5.11
CA ARG B 112 -31.46 -10.74 4.15
C ARG B 112 -32.02 -9.75 3.15
N PHE B 113 -32.27 -8.53 3.64
CA PHE B 113 -32.79 -7.46 2.82
C PHE B 113 -31.80 -7.05 1.73
N TYR B 114 -30.55 -6.76 2.12
CA TYR B 114 -29.53 -6.37 1.15
C TYR B 114 -29.24 -7.54 0.20
N GLY B 115 -29.08 -8.74 0.77
CA GLY B 115 -28.85 -9.95 0.00
C GLY B 115 -29.85 -10.16 -1.13
N ALA B 116 -31.15 -10.04 -0.78
CA ALA B 116 -32.21 -10.19 -1.76
C ALA B 116 -32.09 -9.18 -2.89
N GLU B 117 -31.79 -7.93 -2.55
CA GLU B 117 -31.67 -6.89 -3.56
C GLU B 117 -30.49 -7.16 -4.49
N ILE B 118 -29.34 -7.42 -3.88
CA ILE B 118 -28.13 -7.82 -4.61
C ILE B 118 -28.42 -9.02 -5.51
N VAL B 119 -29.13 -10.02 -5.01
CA VAL B 119 -29.46 -11.21 -5.80
C VAL B 119 -30.36 -10.89 -7.01
N SER B 120 -31.30 -9.96 -6.84
CA SER B 120 -32.18 -9.54 -7.93
C SER B 120 -31.37 -8.94 -9.09
N ALA B 121 -30.44 -8.07 -8.76
CA ALA B 121 -29.60 -7.42 -9.75
C ALA B 121 -28.67 -8.42 -10.42
N LEU B 122 -27.92 -9.17 -9.62
CA LEU B 122 -27.03 -10.17 -10.17
C LEU B 122 -27.79 -11.14 -11.05
N ASP B 123 -28.97 -11.56 -10.62
CA ASP B 123 -29.77 -12.45 -11.44
C ASP B 123 -30.09 -11.76 -12.77
N TYR B 124 -30.49 -10.49 -12.70
CA TYR B 124 -30.75 -9.68 -13.88
C TYR B 124 -29.56 -9.74 -14.83
N LEU B 125 -28.39 -9.22 -14.41
CA LEU B 125 -27.17 -9.26 -15.23
C LEU B 125 -26.82 -10.64 -15.82
N HIS B 126 -27.07 -11.71 -15.07
CA HIS B 126 -26.79 -13.07 -15.59
C HIS B 126 -27.79 -13.49 -16.68
N SER B 127 -29.08 -13.52 -16.36
CA SER B 127 -30.14 -14.04 -17.25
C SER B 127 -30.48 -13.13 -18.43
N GLU B 128 -30.79 -11.88 -18.12
CA GLU B 128 -30.94 -10.84 -19.12
C GLU B 128 -29.59 -10.20 -19.13
N LYS B 129 -29.13 -9.72 -20.28
CA LYS B 129 -27.83 -9.02 -20.35
C LYS B 129 -26.55 -9.88 -20.43
N ASN B 130 -26.60 -11.13 -19.99
CA ASN B 130 -25.43 -12.07 -20.01
C ASN B 130 -24.09 -11.46 -19.54
N VAL B 131 -24.14 -10.86 -18.35
CA VAL B 131 -22.99 -10.20 -17.73
C VAL B 131 -22.59 -10.90 -16.42
N VAL B 132 -21.28 -11.03 -16.21
CA VAL B 132 -20.76 -11.47 -14.93
C VAL B 132 -20.11 -10.26 -14.31
N TYR B 133 -20.57 -9.90 -13.11
CA TYR B 133 -20.13 -8.67 -12.46
C TYR B 133 -18.68 -8.75 -12.00
N ARG B 134 -18.29 -9.88 -11.40
CA ARG B 134 -16.90 -10.23 -11.06
C ARG B 134 -16.24 -9.53 -9.86
N ASP B 135 -16.73 -8.36 -9.48
CA ASP B 135 -16.09 -7.52 -8.46
C ASP B 135 -17.04 -7.13 -7.32
N LEU B 136 -17.83 -8.08 -6.83
CA LEU B 136 -18.75 -7.76 -5.75
C LEU B 136 -17.98 -7.60 -4.44
N LYS B 137 -18.24 -6.50 -3.76
CA LYS B 137 -17.62 -6.21 -2.49
C LYS B 137 -18.37 -5.07 -1.79
N LEU B 138 -18.06 -4.85 -0.51
CA LEU B 138 -18.76 -3.84 0.29
C LEU B 138 -18.52 -2.43 -0.24
N GLU B 139 -17.35 -2.23 -0.84
CA GLU B 139 -16.97 -0.96 -1.43
C GLU B 139 -17.78 -0.64 -2.69
N ASN B 140 -18.28 -1.66 -3.37
CA ASN B 140 -19.05 -1.46 -4.58
C ASN B 140 -20.55 -1.55 -4.36
N LEU B 141 -20.96 -1.54 -3.10
CA LEU B 141 -22.36 -1.64 -2.75
C LEU B 141 -22.80 -0.38 -2.03
N MET B 142 -23.60 0.42 -2.71
CA MET B 142 -24.03 1.69 -2.18
C MET B 142 -25.51 1.70 -1.82
N LEU B 143 -25.93 2.67 -1.02
CA LEU B 143 -27.33 2.85 -0.66
C LEU B 143 -27.89 4.19 -1.20
N ASP B 144 -29.15 4.17 -1.65
CA ASP B 144 -29.85 5.40 -2.05
C ASP B 144 -30.53 6.05 -0.83
N LYS B 145 -31.18 7.20 -1.02
CA LYS B 145 -31.80 7.93 0.09
C LYS B 145 -32.82 7.11 0.87
N ASP B 146 -33.53 6.22 0.18
CA ASP B 146 -34.47 5.29 0.80
C ASP B 146 -33.78 4.11 1.49
N GLY B 147 -32.51 3.88 1.17
CA GLY B 147 -31.77 2.80 1.81
C GLY B 147 -31.84 1.51 1.02
N HIS B 148 -32.15 1.64 -0.26
CA HIS B 148 -32.08 0.55 -1.20
C HIS B 148 -30.68 0.42 -1.78
N ILE B 149 -30.28 -0.83 -2.08
CA ILE B 149 -28.98 -1.15 -2.65
C ILE B 149 -28.84 -0.53 -4.03
N LYS B 150 -27.68 0.06 -4.32
CA LYS B 150 -27.32 0.46 -5.66
C LYS B 150 -25.92 -0.05 -5.91
N ILE B 151 -25.79 -0.98 -6.85
CA ILE B 151 -24.47 -1.49 -7.23
C ILE B 151 -23.83 -0.48 -8.14
N THR B 152 -22.55 -0.29 -7.92
CA THR B 152 -21.79 0.76 -8.56
C THR B 152 -20.48 0.12 -9.07
N ASP B 153 -19.77 0.80 -9.99
CA ASP B 153 -18.51 0.33 -10.58
C ASP B 153 -18.65 -0.93 -11.42
N PHE B 154 -18.67 -0.80 -12.75
CA PHE B 154 -18.92 -1.96 -13.62
C PHE B 154 -17.75 -2.29 -14.54
N GLY B 155 -16.60 -1.67 -14.26
CA GLY B 155 -15.41 -1.81 -15.08
C GLY B 155 -14.86 -3.21 -15.24
N LEU B 156 -15.09 -4.07 -14.25
CA LEU B 156 -14.57 -5.44 -14.31
C LEU B 156 -15.56 -6.48 -14.83
N CYS B 157 -16.71 -6.02 -15.35
CA CYS B 157 -17.70 -6.93 -15.92
C CYS B 157 -17.16 -7.63 -17.15
N LYS B 158 -17.80 -8.74 -17.47
CA LYS B 158 -17.49 -9.46 -18.67
C LYS B 158 -18.81 -9.67 -19.38
N GLU B 159 -18.78 -9.49 -20.69
CA GLU B 159 -20.00 -9.57 -21.49
C GLU B 159 -20.08 -10.86 -22.28
N GLY B 160 -21.28 -11.15 -22.78
CA GLY B 160 -21.52 -12.32 -23.61
C GLY B 160 -21.32 -13.67 -22.95
N ILE B 161 -21.25 -13.69 -21.62
CA ILE B 161 -21.11 -14.95 -20.87
C ILE B 161 -22.47 -15.64 -20.69
N LYS B 162 -22.71 -16.65 -21.52
CA LYS B 162 -23.97 -17.38 -21.53
C LYS B 162 -23.78 -18.74 -20.87
N ASP B 163 -24.81 -19.16 -20.13
CA ASP B 163 -24.79 -20.47 -19.47
C ASP B 163 -23.41 -20.73 -18.82
N GLY B 164 -22.75 -21.79 -19.27
CA GLY B 164 -21.48 -22.20 -18.69
C GLY B 164 -20.25 -21.68 -19.40
N ALA B 165 -20.42 -20.58 -20.15
CA ALA B 165 -19.29 -19.89 -20.79
C ALA B 165 -18.20 -19.57 -19.77
N THR B 166 -16.94 -19.85 -20.11
CA THR B 166 -15.86 -19.69 -19.15
C THR B 166 -14.98 -18.49 -19.44
N MET B 167 -14.23 -18.06 -18.43
CA MET B 167 -13.40 -16.86 -18.50
C MET B 167 -11.98 -17.16 -18.03
N LYS B 168 -11.06 -16.26 -18.34
CA LYS B 168 -9.63 -16.50 -18.15
C LYS B 168 -8.93 -15.48 -17.26
N TPO B 169 -9.33 -14.22 -17.40
CA TPO B 169 -8.68 -13.08 -16.75
CB TPO B 169 -9.35 -11.80 -17.22
CG2 TPO B 169 -8.44 -10.79 -17.90
OG1 TPO B 169 -10.33 -12.33 -18.08
P TPO B 169 -10.93 -11.81 -19.47
O1P TPO B 169 -11.58 -10.50 -19.08
O2P TPO B 169 -9.79 -11.71 -20.44
O3P TPO B 169 -11.83 -12.98 -19.77
C TPO B 169 -8.74 -13.09 -15.26
O TPO B 169 -9.82 -13.25 -14.66
N PHE B 170 -7.57 -12.91 -14.66
CA PHE B 170 -7.36 -12.73 -13.23
C PHE B 170 -7.69 -11.30 -12.90
N CYS B 171 -8.84 -11.10 -12.23
CA CYS B 171 -9.27 -9.76 -11.84
C CYS B 171 -10.31 -9.81 -10.71
N GLY B 172 -10.54 -8.65 -10.09
CA GLY B 172 -11.48 -8.51 -8.98
C GLY B 172 -10.85 -7.72 -7.85
N THR B 173 -11.07 -8.18 -6.63
CA THR B 173 -10.41 -7.66 -5.42
C THR B 173 -9.87 -8.87 -4.65
N PRO B 174 -8.58 -8.85 -4.28
CA PRO B 174 -7.92 -10.00 -3.65
C PRO B 174 -8.76 -10.69 -2.57
N GLU B 175 -9.25 -9.93 -1.60
CA GLU B 175 -9.97 -10.50 -0.46
C GLU B 175 -11.26 -11.24 -0.87
N TYR B 176 -11.79 -10.91 -2.04
CA TYR B 176 -13.09 -11.39 -2.50
C TYR B 176 -12.97 -12.44 -3.60
N LEU B 177 -11.76 -12.65 -4.11
CA LEU B 177 -11.50 -13.60 -5.19
C LEU B 177 -11.94 -15.00 -4.84
N ALA B 178 -12.56 -15.65 -5.81
CA ALA B 178 -13.07 -16.99 -5.63
C ALA B 178 -11.96 -18.01 -5.91
N PRO B 179 -11.97 -19.15 -5.21
CA PRO B 179 -11.02 -20.21 -5.40
C PRO B 179 -10.70 -20.44 -6.86
N GLU B 180 -11.73 -20.61 -7.69
CA GLU B 180 -11.54 -20.98 -9.09
C GLU B 180 -10.81 -19.89 -9.90
N VAL B 181 -10.92 -18.63 -9.49
CA VAL B 181 -10.18 -17.55 -10.16
C VAL B 181 -8.70 -17.64 -9.78
N LEU B 182 -8.46 -18.10 -8.55
CA LEU B 182 -7.11 -18.27 -7.99
C LEU B 182 -6.40 -19.52 -8.52
N GLU B 183 -7.15 -20.60 -8.71
CA GLU B 183 -6.71 -21.65 -9.62
C GLU B 183 -6.70 -20.90 -10.93
N ASP B 184 -5.79 -21.20 -11.85
CA ASP B 184 -5.86 -20.50 -13.13
C ASP B 184 -6.36 -21.53 -14.13
N ASN B 185 -7.62 -21.93 -13.98
CA ASN B 185 -8.16 -23.00 -14.82
C ASN B 185 -9.59 -22.77 -15.32
N ASP B 186 -9.87 -21.53 -15.73
CA ASP B 186 -11.19 -21.12 -16.26
C ASP B 186 -12.19 -20.94 -15.14
N TYR B 187 -13.11 -20.00 -15.32
CA TYR B 187 -14.19 -19.80 -14.35
C TYR B 187 -15.48 -19.32 -15.01
N GLY B 188 -16.61 -19.64 -14.38
CA GLY B 188 -17.94 -19.34 -14.91
C GLY B 188 -18.60 -18.18 -14.16
N ARG B 189 -19.90 -18.02 -14.36
CA ARG B 189 -20.62 -16.89 -13.78
C ARG B 189 -20.84 -17.08 -12.29
N ALA B 190 -20.52 -18.28 -11.78
CA ALA B 190 -20.69 -18.58 -10.36
C ALA B 190 -19.77 -17.78 -9.46
N VAL B 191 -18.75 -17.13 -10.03
CA VAL B 191 -17.89 -16.25 -9.23
C VAL B 191 -18.66 -15.14 -8.51
N ASP B 192 -19.80 -14.75 -9.06
CA ASP B 192 -20.61 -13.71 -8.43
C ASP B 192 -21.29 -14.24 -7.17
N TRP B 193 -21.65 -15.51 -7.18
CA TRP B 193 -22.31 -16.10 -6.01
C TRP B 193 -21.33 -16.31 -4.86
N TRP B 194 -20.06 -16.55 -5.20
CA TRP B 194 -19.00 -16.51 -4.21
C TRP B 194 -18.98 -15.13 -3.51
N GLY B 195 -18.85 -14.06 -4.29
CA GLY B 195 -18.84 -12.68 -3.78
C GLY B 195 -20.02 -12.37 -2.90
N LEU B 196 -21.21 -12.76 -3.35
CA LEU B 196 -22.40 -12.72 -2.53
C LEU B 196 -22.14 -13.39 -1.18
N GLY B 197 -21.46 -14.53 -1.20
CA GLY B 197 -21.10 -15.26 0.00
C GLY B 197 -20.23 -14.40 0.88
N VAL B 198 -19.21 -13.79 0.29
CA VAL B 198 -18.27 -12.99 1.10
C VAL B 198 -18.97 -11.79 1.70
N VAL B 199 -19.65 -11.00 0.85
CA VAL B 199 -20.42 -9.84 1.29
C VAL B 199 -21.39 -10.19 2.43
N MET B 200 -22.15 -11.26 2.23
CA MET B 200 -23.13 -11.69 3.25
C MET B 200 -22.46 -12.21 4.52
N TYR B 201 -21.30 -12.85 4.37
CA TYR B 201 -20.55 -13.35 5.52
C TYR B 201 -20.08 -12.16 6.37
N GLU B 202 -19.56 -11.14 5.71
CA GLU B 202 -19.23 -9.88 6.35
C GLU B 202 -20.43 -9.23 7.04
N MET B 203 -21.57 -9.15 6.37
CA MET B 203 -22.72 -8.49 6.99
C MET B 203 -23.16 -9.17 8.28
N MET B 204 -22.97 -10.48 8.36
CA MET B 204 -23.52 -11.24 9.50
C MET B 204 -22.50 -11.71 10.54
N CYS B 205 -21.21 -11.60 10.23
CA CYS B 205 -20.17 -11.96 11.19
C CYS B 205 -19.17 -10.83 11.43
N GLY B 206 -19.33 -9.72 10.72
CA GLY B 206 -18.49 -8.55 10.93
C GLY B 206 -17.04 -8.64 10.50
N ARG B 207 -16.67 -9.71 9.78
CA ARG B 207 -15.31 -9.88 9.28
C ARG B 207 -15.30 -10.65 7.95
N LEU B 208 -14.23 -10.50 7.18
CA LEU B 208 -14.01 -11.34 5.99
C LEU B 208 -13.88 -12.80 6.39
N PRO B 209 -14.31 -13.73 5.52
CA PRO B 209 -14.21 -15.13 5.87
C PRO B 209 -12.77 -15.63 5.77
N PHE B 210 -11.96 -14.94 4.99
CA PHE B 210 -10.53 -15.22 4.93
C PHE B 210 -9.79 -13.89 4.96
N TYR B 211 -8.81 -13.79 5.85
CA TYR B 211 -7.99 -12.59 5.86
C TYR B 211 -6.53 -12.81 6.25
N ASN B 212 -5.68 -12.07 5.55
CA ASN B 212 -4.29 -11.86 5.89
C ASN B 212 -3.87 -10.57 5.20
N GLN B 213 -3.02 -9.78 5.84
CA GLN B 213 -2.46 -8.58 5.21
C GLN B 213 -1.71 -8.92 3.92
N ASP B 214 -1.09 -10.10 3.90
CA ASP B 214 -0.28 -10.55 2.79
C ASP B 214 -1.14 -11.27 1.74
N HIS B 215 -1.23 -10.70 0.53
CA HIS B 215 -2.08 -11.28 -0.53
C HIS B 215 -1.77 -12.76 -0.77
N GLU B 216 -0.49 -13.11 -0.75
CA GLU B 216 -0.06 -14.48 -1.00
C GLU B 216 -0.59 -15.45 0.03
N LYS B 217 -0.54 -15.05 1.31
CA LYS B 217 -1.06 -15.87 2.40
C LYS B 217 -2.59 -15.91 2.41
N LEU B 218 -3.20 -14.81 1.97
CA LEU B 218 -4.65 -14.69 1.76
C LEU B 218 -5.18 -15.69 0.75
N PHE B 219 -4.54 -15.75 -0.43
CA PHE B 219 -4.92 -16.71 -1.48
C PHE B 219 -4.78 -18.14 -0.97
N GLU B 220 -3.73 -18.38 -0.21
CA GLU B 220 -3.50 -19.67 0.39
C GLU B 220 -4.70 -20.07 1.26
N LEU B 221 -5.21 -19.11 2.03
CA LEU B 221 -6.40 -19.35 2.86
C LEU B 221 -7.65 -19.57 1.99
N ILE B 222 -7.87 -18.70 1.00
CA ILE B 222 -9.03 -18.88 0.16
C ILE B 222 -9.10 -20.31 -0.44
N LEU B 223 -7.97 -20.80 -0.97
CA LEU B 223 -7.95 -22.13 -1.59
C LEU B 223 -8.01 -23.31 -0.63
N MET B 224 -7.38 -23.15 0.54
CA MET B 224 -7.05 -24.29 1.41
C MET B 224 -7.87 -24.43 2.69
N GLU B 225 -8.30 -23.29 3.23
CA GLU B 225 -8.92 -23.22 4.55
C GLU B 225 -10.42 -23.49 4.54
N GLU B 226 -10.88 -24.29 5.49
CA GLU B 226 -12.31 -24.57 5.71
C GLU B 226 -12.96 -23.35 6.38
N ILE B 227 -14.15 -22.96 5.91
CA ILE B 227 -14.86 -21.77 6.47
C ILE B 227 -15.25 -21.97 7.93
N ARG B 228 -15.17 -20.89 8.69
CA ARG B 228 -15.61 -20.89 10.07
C ARG B 228 -16.87 -20.05 10.19
N PHE B 229 -17.77 -20.46 11.07
CA PHE B 229 -19.00 -19.71 11.32
C PHE B 229 -19.15 -19.41 12.80
N PRO B 230 -19.25 -18.12 13.15
CA PRO B 230 -19.55 -17.72 14.52
C PRO B 230 -20.84 -18.39 14.99
N ARG B 231 -20.91 -18.75 16.27
CA ARG B 231 -22.02 -19.52 16.78
C ARG B 231 -23.26 -18.67 17.02
N THR B 232 -23.15 -17.38 16.68
CA THR B 232 -24.29 -16.46 16.64
C THR B 232 -25.26 -16.80 15.52
N LEU B 233 -24.73 -17.34 14.42
CA LEU B 233 -25.49 -17.61 13.21
C LEU B 233 -26.62 -18.63 13.37
N GLY B 234 -27.80 -18.25 12.88
CA GLY B 234 -28.90 -19.18 12.74
C GLY B 234 -28.51 -20.28 11.76
N PRO B 235 -29.24 -21.41 11.78
CA PRO B 235 -28.95 -22.54 10.90
C PRO B 235 -29.21 -22.27 9.41
N GLU B 236 -30.17 -21.41 9.08
CA GLU B 236 -30.47 -21.06 7.68
C GLU B 236 -29.38 -20.15 7.14
N ALA B 237 -28.92 -19.23 7.97
CA ALA B 237 -27.81 -18.36 7.64
C ALA B 237 -26.54 -19.17 7.45
N LYS B 238 -26.29 -20.11 8.35
CA LYS B 238 -25.12 -21.00 8.26
C LYS B 238 -25.12 -21.82 6.99
N SER B 239 -26.30 -22.27 6.58
CA SER B 239 -26.47 -23.09 5.38
C SER B 239 -26.30 -22.27 4.10
N LEU B 240 -26.89 -21.07 4.07
CA LEU B 240 -26.70 -20.15 2.95
C LEU B 240 -25.22 -19.87 2.74
N LEU B 241 -24.56 -19.32 3.76
CA LEU B 241 -23.14 -18.99 3.69
C LEU B 241 -22.31 -20.18 3.24
N SER B 242 -22.51 -21.31 3.90
CA SER B 242 -21.88 -22.56 3.56
C SER B 242 -22.01 -22.86 2.07
N GLY B 243 -23.25 -22.90 1.58
CA GLY B 243 -23.51 -23.16 0.17
C GLY B 243 -22.86 -22.16 -0.76
N LEU B 244 -22.98 -20.88 -0.44
CA LEU B 244 -22.35 -19.84 -1.25
C LEU B 244 -20.83 -19.95 -1.27
N LEU B 245 -20.25 -20.42 -0.16
CA LEU B 245 -18.79 -20.43 -0.05
C LEU B 245 -18.12 -21.79 -0.33
N LYS B 246 -18.85 -22.72 -0.94
CA LYS B 246 -18.23 -23.92 -1.50
C LYS B 246 -17.15 -23.51 -2.50
N LYS B 247 -15.95 -24.05 -2.32
CA LYS B 247 -14.80 -23.67 -3.13
C LYS B 247 -14.89 -24.19 -4.56
N ASP B 248 -15.55 -25.33 -4.72
CA ASP B 248 -15.77 -25.86 -6.06
C ASP B 248 -17.10 -25.31 -6.58
N PRO B 249 -17.05 -24.47 -7.64
CA PRO B 249 -18.23 -23.80 -8.21
C PRO B 249 -19.39 -24.73 -8.59
N LYS B 250 -19.06 -25.97 -8.93
CA LYS B 250 -20.07 -26.98 -9.28
C LYS B 250 -20.84 -27.48 -8.07
N GLN B 251 -20.34 -27.18 -6.87
CA GLN B 251 -21.05 -27.50 -5.62
C GLN B 251 -21.72 -26.27 -5.00
N ARG B 252 -21.42 -25.10 -5.55
CA ARG B 252 -21.85 -23.83 -4.98
C ARG B 252 -23.30 -23.55 -5.29
N LEU B 253 -23.99 -22.92 -4.35
CA LEU B 253 -25.32 -22.37 -4.60
C LEU B 253 -25.27 -21.36 -5.75
N GLY B 254 -26.07 -21.62 -6.78
CA GLY B 254 -26.08 -20.77 -7.96
C GLY B 254 -25.02 -21.18 -8.96
N GLY B 255 -24.28 -22.23 -8.62
CA GLY B 255 -23.19 -22.70 -9.46
C GLY B 255 -23.61 -23.61 -10.59
N GLY B 256 -24.88 -24.00 -10.60
CA GLY B 256 -25.47 -24.82 -11.64
C GLY B 256 -26.19 -24.02 -12.70
N SER B 257 -27.10 -24.70 -13.40
CA SER B 257 -27.78 -24.14 -14.57
C SER B 257 -28.94 -23.23 -14.20
N GLU B 258 -29.47 -23.40 -12.98
CA GLU B 258 -30.56 -22.58 -12.47
C GLU B 258 -30.06 -21.17 -12.17
N ASP B 259 -28.78 -21.10 -11.82
CA ASP B 259 -28.13 -19.83 -11.48
C ASP B 259 -28.77 -19.23 -10.22
N ALA B 260 -29.12 -17.94 -10.28
CA ALA B 260 -29.73 -17.22 -9.15
C ALA B 260 -30.91 -17.96 -8.55
N LYS B 261 -31.57 -18.76 -9.37
CA LYS B 261 -32.76 -19.48 -8.97
C LYS B 261 -32.48 -20.44 -7.80
N GLU B 262 -31.30 -21.06 -7.79
CA GLU B 262 -30.94 -21.97 -6.70
C GLU B 262 -30.80 -21.21 -5.37
N ILE B 263 -30.39 -19.95 -5.46
CA ILE B 263 -30.17 -19.09 -4.30
C ILE B 263 -31.49 -18.52 -3.80
N MET B 264 -32.34 -18.07 -4.71
CA MET B 264 -33.64 -17.48 -4.31
C MET B 264 -34.53 -18.49 -3.59
N GLN B 265 -34.36 -19.77 -3.92
CA GLN B 265 -35.15 -20.83 -3.30
C GLN B 265 -34.53 -21.40 -2.02
N HIS B 266 -33.49 -20.75 -1.48
CA HIS B 266 -32.87 -21.21 -0.25
C HIS B 266 -33.71 -20.78 0.96
N ARG B 267 -33.83 -21.66 1.94
CA ARG B 267 -34.74 -21.39 3.07
C ARG B 267 -34.36 -20.13 3.83
N PHE B 268 -33.12 -19.67 3.70
CA PHE B 268 -32.74 -18.39 4.29
C PHE B 268 -33.63 -17.26 3.75
N PHE B 269 -34.13 -17.42 2.52
CA PHE B 269 -34.96 -16.43 1.86
C PHE B 269 -36.40 -16.92 1.78
N ALA B 270 -36.84 -17.67 2.80
CA ALA B 270 -38.14 -18.34 2.72
C ALA B 270 -39.35 -17.41 2.55
N GLY B 271 -39.40 -16.32 3.31
CA GLY B 271 -40.53 -15.41 3.17
C GLY B 271 -40.51 -14.54 1.91
N ILE B 272 -39.31 -14.32 1.38
CA ILE B 272 -39.07 -13.33 0.35
C ILE B 272 -39.94 -13.52 -0.90
N VAL B 273 -40.71 -12.49 -1.23
CA VAL B 273 -41.43 -12.45 -2.51
C VAL B 273 -40.59 -11.61 -3.48
N TRP B 274 -39.96 -12.31 -4.41
CA TRP B 274 -38.89 -11.74 -5.25
C TRP B 274 -39.32 -10.63 -6.19
N GLN B 275 -40.58 -10.65 -6.63
CA GLN B 275 -41.12 -9.58 -7.46
C GLN B 275 -41.26 -8.30 -6.62
N HIS B 276 -41.57 -8.45 -5.33
CA HIS B 276 -41.66 -7.34 -4.40
C HIS B 276 -40.28 -6.74 -4.11
N VAL B 277 -39.28 -7.60 -3.97
CA VAL B 277 -37.91 -7.16 -3.82
C VAL B 277 -37.62 -6.19 -4.95
N TYR B 278 -37.87 -6.64 -6.18
CA TYR B 278 -37.58 -5.86 -7.38
C TYR B 278 -38.44 -4.60 -7.45
N GLU B 279 -39.65 -4.67 -6.92
CA GLU B 279 -40.57 -3.53 -6.93
C GLU B 279 -40.36 -2.58 -5.77
N LYS B 280 -39.45 -2.95 -4.86
CA LYS B 280 -39.08 -2.11 -3.72
C LYS B 280 -40.18 -1.98 -2.67
N LYS B 281 -41.02 -3.02 -2.58
CA LYS B 281 -42.10 -3.08 -1.59
C LYS B 281 -41.59 -3.51 -0.21
N LEU B 282 -40.39 -4.08 -0.16
CA LEU B 282 -39.77 -4.42 1.12
C LEU B 282 -39.20 -3.15 1.75
N SER B 283 -39.77 -2.71 2.87
CA SER B 283 -39.28 -1.51 3.54
C SER B 283 -37.90 -1.71 4.18
N PRO B 284 -36.93 -0.87 3.78
CA PRO B 284 -35.55 -0.91 4.29
C PRO B 284 -35.46 -0.86 5.82
N PRO B 285 -34.57 -1.69 6.40
CA PRO B 285 -34.37 -1.71 7.84
C PRO B 285 -33.56 -0.50 8.33
N PHE B 286 -32.86 0.18 7.43
CA PHE B 286 -32.17 1.42 7.74
C PHE B 286 -32.42 2.46 6.67
N LYS B 287 -32.82 3.66 7.11
CA LYS B 287 -33.02 4.81 6.23
C LYS B 287 -31.91 5.80 6.49
N PRO B 288 -31.18 6.20 5.43
CA PRO B 288 -30.13 7.22 5.54
C PRO B 288 -30.69 8.52 6.12
N GLN B 289 -30.02 9.05 7.15
CA GLN B 289 -30.52 10.18 7.91
C GLN B 289 -29.88 11.48 7.46
N VAL B 290 -30.20 11.88 6.22
CA VAL B 290 -29.60 13.09 5.63
C VAL B 290 -30.45 14.36 5.78
N THR B 291 -29.82 15.45 6.24
CA THR B 291 -30.50 16.74 6.41
C THR B 291 -30.97 17.30 5.06
N SER B 292 -30.02 17.80 4.27
CA SER B 292 -30.30 18.33 2.94
C SER B 292 -30.12 17.26 1.87
N GLU B 293 -29.96 17.70 0.62
CA GLU B 293 -29.65 16.80 -0.51
C GLU B 293 -28.14 16.62 -0.63
N THR B 294 -27.39 17.55 -0.05
CA THR B 294 -25.92 17.49 -0.05
C THR B 294 -25.33 17.12 1.32
N ASP B 295 -26.13 16.44 2.15
CA ASP B 295 -25.63 15.89 3.40
C ASP B 295 -24.82 14.63 3.09
N THR B 296 -23.51 14.78 3.05
CA THR B 296 -22.59 13.72 2.66
C THR B 296 -21.90 13.10 3.87
N ARG B 297 -22.64 13.04 4.97
CA ARG B 297 -22.16 12.47 6.24
C ARG B 297 -21.76 10.99 6.12
N TYR B 298 -22.30 10.33 5.09
CA TYR B 298 -22.11 8.91 4.86
C TYR B 298 -20.99 8.64 3.86
N PHE B 299 -20.27 9.68 3.47
CA PHE B 299 -19.06 9.54 2.66
C PHE B 299 -17.87 9.92 3.53
N ASP B 300 -16.73 9.26 3.30
CA ASP B 300 -15.56 9.42 4.17
C ASP B 300 -14.99 10.85 4.17
N GLU B 301 -14.76 11.34 5.38
CA GLU B 301 -14.35 12.73 5.65
C GLU B 301 -13.13 13.24 4.88
N GLU B 302 -12.21 12.34 4.52
CA GLU B 302 -11.01 12.76 3.79
C GLU B 302 -11.32 13.18 2.34
N PHE B 303 -12.50 12.82 1.86
CA PHE B 303 -12.96 13.25 0.53
C PHE B 303 -13.95 14.42 0.64
N THR B 304 -14.81 14.37 1.65
CA THR B 304 -15.80 15.42 1.94
C THR B 304 -15.16 16.79 2.17
N ALA B 305 -13.98 16.80 2.79
CA ALA B 305 -13.28 18.02 3.16
C ALA B 305 -12.57 18.73 2.00
N GLN B 306 -11.93 17.95 1.11
CA GLN B 306 -11.14 18.49 0.00
C GLN B 306 -11.92 19.50 -0.85
N MET B 307 -11.35 20.67 -1.05
CA MET B 307 -11.92 21.65 -1.99
C MET B 307 -11.64 21.21 -3.43
N ILE B 308 -12.37 21.78 -4.39
CA ILE B 308 -12.27 21.36 -5.78
C ILE B 308 -11.23 22.18 -6.58
N THR B 309 -10.08 21.55 -6.80
CA THR B 309 -9.00 22.09 -7.62
C THR B 309 -8.79 21.10 -8.79
N ILE B 310 -9.35 21.46 -9.95
CA ILE B 310 -9.53 20.51 -11.07
C ILE B 310 -8.21 19.93 -11.64
N THR B 311 -8.28 18.65 -12.01
CA THR B 311 -7.12 17.83 -12.42
C THR B 311 -6.31 17.36 -11.20
N ARG B 327 -3.87 10.80 -25.28
CA ARG B 327 -5.13 11.54 -25.14
C ARG B 327 -6.04 11.39 -26.36
N PRO B 328 -6.43 10.14 -26.70
CA PRO B 328 -7.22 9.95 -27.93
C PRO B 328 -8.69 10.31 -27.76
N HIS B 329 -9.46 10.16 -28.84
CA HIS B 329 -10.91 10.32 -28.79
C HIS B 329 -11.53 8.93 -28.80
N PHE B 330 -12.56 8.73 -27.98
CA PHE B 330 -13.24 7.44 -27.92
C PHE B 330 -14.53 7.47 -28.73
N PRO B 331 -14.54 6.77 -29.89
CA PRO B 331 -15.73 6.74 -30.74
C PRO B 331 -16.97 6.29 -29.99
N GLN B 332 -18.11 6.89 -30.33
CA GLN B 332 -19.42 6.45 -29.81
C GLN B 332 -19.47 6.23 -28.28
N PHE B 333 -18.71 7.03 -27.53
CA PHE B 333 -18.71 6.96 -26.06
C PHE B 333 -19.89 7.73 -25.48
N ASP B 334 -20.20 8.88 -26.09
CA ASP B 334 -21.21 9.81 -25.60
C ASP B 334 -22.63 9.23 -25.63
N TYR B 335 -23.42 9.58 -24.61
CA TYR B 335 -24.72 8.97 -24.37
C TYR B 335 -25.59 9.83 -23.46
N SER B 336 -26.88 9.90 -23.78
CA SER B 336 -27.87 10.54 -22.91
C SER B 336 -29.06 9.60 -22.81
N ALA B 337 -29.58 9.42 -21.59
CA ALA B 337 -30.78 8.64 -21.38
C ALA B 337 -32.00 9.53 -21.64
N SER B 338 -33.15 8.89 -21.82
CA SER B 338 -34.37 9.61 -22.20
C SER B 338 -35.59 9.19 -21.37
N SER B 339 -35.94 10.03 -20.40
CA SER B 339 -37.12 9.81 -19.56
C SER B 339 -38.40 10.28 -20.25
N GLY C 1 28.11 3.00 24.16
CA GLY C 1 28.69 1.64 24.35
C GLY C 1 29.83 1.38 23.37
N ARG C 2 29.52 0.69 22.28
CA ARG C 2 30.51 0.38 21.25
C ARG C 2 31.04 1.64 20.53
N PRO C 3 32.26 1.56 19.98
CA PRO C 3 32.83 2.69 19.26
C PRO C 3 32.19 2.86 17.87
N ARG C 4 32.34 4.06 17.30
CA ARG C 4 31.75 4.36 16.00
C ARG C 4 32.38 3.50 14.88
N THR C 5 31.55 3.01 13.98
CA THR C 5 32.00 2.14 12.88
C THR C 5 32.19 2.88 11.56
N THR C 6 33.05 2.33 10.70
CA THR C 6 33.41 2.94 9.42
C THR C 6 32.99 2.04 8.25
N SER C 7 32.28 2.60 7.29
CA SER C 7 31.91 1.89 6.07
C SER C 7 33.12 1.77 5.15
N PHE C 8 33.14 0.75 4.30
CA PHE C 8 34.31 0.47 3.46
C PHE C 8 33.94 -0.18 2.12
N ALA C 9 34.87 -0.18 1.18
CA ALA C 9 34.77 -0.95 -0.07
C ALA C 9 36.16 -1.49 -0.46
N GLU C 10 36.22 -2.78 -0.83
CA GLU C 10 37.48 -3.51 -1.08
C GLU C 10 38.49 -2.76 -1.95
N GLY D 1 -12.54 -1.90 11.98
CA GLY D 1 -12.89 -2.84 10.88
C GLY D 1 -11.70 -3.14 9.99
N ARG D 2 -11.95 -3.81 8.87
CA ARG D 2 -10.91 -4.13 7.90
C ARG D 2 -10.50 -2.89 7.07
N PRO D 3 -9.29 -2.93 6.47
CA PRO D 3 -8.89 -1.84 5.59
C PRO D 3 -9.66 -1.84 4.28
N ARG D 4 -9.77 -0.67 3.65
CA ARG D 4 -10.37 -0.53 2.33
C ARG D 4 -9.62 -1.39 1.31
N THR D 5 -10.36 -1.99 0.38
CA THR D 5 -9.73 -2.88 -0.59
C THR D 5 -9.66 -2.22 -1.98
N THR D 6 -8.68 -2.67 -2.77
CA THR D 6 -8.39 -2.11 -4.09
C THR D 6 -8.59 -3.10 -5.22
N SER D 7 -9.46 -2.74 -6.16
CA SER D 7 -9.72 -3.54 -7.36
C SER D 7 -8.50 -3.62 -8.27
N PHE D 8 -8.36 -4.74 -8.96
CA PHE D 8 -7.20 -4.98 -9.83
C PHE D 8 -7.54 -5.81 -11.06
N ALA D 9 -6.66 -5.75 -12.06
CA ALA D 9 -6.72 -6.62 -13.22
C ALA D 9 -5.32 -6.84 -13.77
N GLU D 10 -4.96 -8.11 -13.97
CA GLU D 10 -3.69 -8.46 -14.61
C GLU D 10 -3.81 -9.73 -15.46
C1 XM1 E . 22.64 13.70 7.79
CL1 XM1 E . 30.40 13.89 3.74
C2 XM1 E . 21.83 13.59 6.64
C3 XM1 E . 22.11 13.09 5.33
C4 XM1 E . 20.90 13.26 4.69
N5 XM1 E . 25.50 8.50 9.10
N6 XM1 E . 19.93 13.83 5.53
C7 XM1 E . 20.51 14.03 6.73
N8 XM1 E . 22.10 14.22 8.90
C9 XM1 E . 20.81 14.61 8.87
N10 XM1 E . 19.95 14.55 7.83
N11 XM1 E . 23.96 13.26 7.76
C12 XM1 E . 24.71 13.31 9.04
C13 XM1 E . 26.22 12.99 8.96
N14 XM1 E . 26.52 11.78 8.16
C15 XM1 E . 25.85 11.77 6.84
C16 XM1 E . 24.33 12.07 6.96
C17 XM1 E . 27.22 10.73 8.64
O18 XM1 E . 27.78 10.78 9.73
C19 XM1 E . 27.43 9.45 7.79
C20 XM1 E . 28.91 9.28 7.37
C21 XM1 E . 26.77 8.20 8.43
C22 XM1 E . 29.30 10.44 6.46
C23 XM1 E . 29.81 11.63 7.01
C24 XM1 E . 30.16 12.70 6.17
C25 XM1 E . 29.98 12.58 4.77
C26 XM1 E . 29.47 11.39 4.20
C27 XM1 E . 29.12 10.31 5.06
C1 XM1 F . -20.35 7.14 -6.03
CL1 XM1 F . -12.59 7.60 -10.15
C2 XM1 F . -21.14 6.87 -7.17
C3 XM1 F . -20.82 6.29 -8.43
C4 XM1 F . -22.04 6.30 -9.09
N5 XM1 F . -16.90 1.72 -5.31
N6 XM1 F . -23.05 6.86 -8.30
C7 XM1 F . -22.49 7.20 -7.11
N8 XM1 F . -20.93 7.71 -4.95
C9 XM1 F . -22.24 7.98 -5.03
N10 XM1 F . -23.08 7.77 -6.06
N11 XM1 F . -19.00 6.83 -6.00
C12 XM1 F . -18.32 7.10 -4.72
C13 XM1 F . -16.81 6.78 -4.64
N14 XM1 F . -16.44 5.51 -5.30
C15 XM1 F . -16.96 5.44 -6.68
C16 XM1 F . -18.50 5.63 -6.70
C17 XM1 F . -15.44 4.72 -4.83
O18 XM1 F . -14.57 5.17 -4.06
C19 XM1 F . -15.07 3.40 -5.57
C20 XM1 F . -13.58 3.37 -5.96
C21 XM1 F . -15.56 2.13 -4.85
C22 XM1 F . -13.32 4.44 -7.01
C23 XM1 F . -12.80 5.70 -6.63
C24 XM1 F . -12.58 6.69 -7.60
C25 XM1 F . -12.88 6.41 -8.96
C26 XM1 F . -13.40 5.16 -9.35
C27 XM1 F . -13.63 4.17 -8.37
#